data_3RIE
#
_entry.id   3RIE
#
_cell.length_a   196.800
_cell.length_b   134.590
_cell.length_c   48.460
_cell.angle_alpha   90.00
_cell.angle_beta   94.55
_cell.angle_gamma   90.00
#
_symmetry.space_group_name_H-M   'C 1 2 1'
#
loop_
_entity.id
_entity.type
_entity.pdbx_description
1 polymer 'Spermidine synthase'
2 non-polymer "5'-DEOXY-5'-METHYLTHIOADENOSINE"
3 non-polymer trans-N-(3-aminopropyl)cyclohexane-1,4-diamine
4 non-polymer GLYCEROL
5 non-polymer 2-(2-{2-[2-(2-METHOXY-ETHOXY)-ETHOXY]-ETHOXY}-ETHOXY)-ETHANOL
6 water water
#
_entity_poly.entity_id   1
_entity_poly.type   'polypeptide(L)'
_entity_poly.pdbx_seq_one_letter_code
;GSKKWFSEFSIMWPGQAFSLKIKKILYETKSKYQNVLVFESTTYGKVLVLDGVIQLTEKDEFAYHEMMTHVPMTVSKEPK
NVLVVGGGDGGIIRELCKYKSVENIDICEIDETVIEVSKIYFKNISCGYEDKRVNVFIEDASKFLENVTNTYDVIIVDSS
DPIGPAETLFNQNFYEKIYNALKPNGYCVAQCESLWIHVGTIKNMIGYAKKLFKKVEYANISIPTYPCGCIGILCCSKTD
TGLTKPNKKLESKEFADLKYYNYENHSAAFKLPAFLLKEIENI
;
_entity_poly.pdbx_strand_id   A,B,C
#
# COMPACT_ATOMS: atom_id res chain seq x y z
N LYS A 3 -25.62 21.75 -2.70
CA LYS A 3 -25.49 20.30 -2.56
C LYS A 3 -26.11 19.58 -3.74
N LYS A 4 -25.61 18.50 -4.09
CA LYS A 4 -26.15 17.72 -5.15
C LYS A 4 -27.23 16.78 -4.51
N TRP A 5 -27.94 16.08 -5.38
CA TRP A 5 -29.05 15.19 -4.98
C TRP A 5 -28.69 13.88 -5.57
N PHE A 6 -28.96 12.81 -4.84
CA PHE A 6 -28.94 11.51 -5.43
C PHE A 6 -30.36 11.20 -5.99
N SER A 7 -30.46 10.64 -7.20
CA SER A 7 -31.77 10.25 -7.76
C SER A 7 -31.85 8.79 -8.13
N GLU A 8 -32.89 8.11 -7.65
CA GLU A 8 -33.07 6.67 -7.92
C GLU A 8 -33.96 6.46 -9.17
N PHE A 9 -33.35 6.17 -10.33
CA PHE A 9 -34.04 5.99 -11.64
C PHE A 9 -33.83 4.56 -11.99
N SER A 10 -34.81 3.91 -12.61
CA SER A 10 -34.65 2.51 -12.94
C SER A 10 -35.60 2.03 -14.04
N ILE A 11 -35.15 1.17 -14.94
CA ILE A 11 -36.08 0.54 -15.91
C ILE A 11 -37.14 -0.35 -15.18
N MET A 12 -36.90 -0.66 -13.90
CA MET A 12 -37.81 -1.49 -13.12
C MET A 12 -39.03 -0.69 -12.63
N TRP A 13 -38.93 0.65 -12.60
CA TRP A 13 -40.08 1.50 -12.35
C TRP A 13 -39.99 2.75 -13.27
N PRO A 14 -40.23 2.58 -14.57
CA PRO A 14 -40.09 3.73 -15.48
C PRO A 14 -41.08 4.91 -15.21
N GLY A 15 -40.63 6.14 -15.46
CA GLY A 15 -41.54 7.25 -15.34
C GLY A 15 -41.59 7.87 -13.97
N GLN A 16 -40.83 7.33 -13.01
CA GLN A 16 -40.91 7.89 -11.67
C GLN A 16 -39.52 7.95 -11.04
N ALA A 17 -39.26 8.79 -10.07
CA ALA A 17 -37.95 8.69 -9.39
C ALA A 17 -38.03 9.35 -8.02
N PHE A 18 -37.30 8.82 -7.04
CA PHE A 18 -37.23 9.39 -5.69
C PHE A 18 -35.82 10.00 -5.54
N SER A 19 -35.70 11.16 -4.90
CA SER A 19 -34.37 11.77 -4.70
C SER A 19 -34.13 12.12 -3.28
N LEU A 20 -32.87 12.02 -2.85
CA LEU A 20 -32.47 12.51 -1.54
C LEU A 20 -31.33 13.48 -1.67
N LYS A 21 -31.36 14.52 -0.83
CA LYS A 21 -30.29 15.49 -0.88
C LYS A 21 -29.04 14.90 -0.20
N ILE A 22 -27.88 15.21 -0.77
CA ILE A 22 -26.59 14.67 -0.25
C ILE A 22 -25.89 15.68 0.65
N LYS A 23 -25.67 15.30 1.91
CA LYS A 23 -24.77 16.03 2.79
C LYS A 23 -23.30 15.79 2.38
N LYS A 24 -22.90 14.52 2.25
CA LYS A 24 -21.49 14.19 1.91
C LYS A 24 -21.44 12.77 1.32
N ILE A 25 -20.74 12.57 0.20
CA ILE A 25 -20.45 11.20 -0.25
C ILE A 25 -19.41 10.58 0.69
N LEU A 26 -19.60 9.34 1.13
CA LEU A 26 -18.65 8.73 2.07
C LEU A 26 -17.74 7.70 1.37
N TYR A 27 -18.25 6.99 0.39
CA TYR A 27 -17.47 5.90 -0.19
C TYR A 27 -18.14 5.45 -1.47
N GLU A 28 -17.37 5.17 -2.53
CA GLU A 28 -17.85 4.55 -3.77
C GLU A 28 -16.81 3.57 -4.26
N THR A 29 -17.25 2.40 -4.75
CA THR A 29 -16.38 1.44 -5.36
C THR A 29 -17.15 0.63 -6.36
N LYS A 30 -16.47 0.04 -7.29
CA LYS A 30 -17.03 -0.97 -8.10
C LYS A 30 -16.55 -2.31 -7.55
N SER A 31 -17.42 -3.06 -6.89
CA SER A 31 -17.02 -4.33 -6.32
C SER A 31 -17.01 -5.33 -7.46
N LYS A 32 -16.68 -6.59 -7.15
CA LYS A 32 -16.81 -7.69 -8.16
C LYS A 32 -18.21 -7.78 -8.75
N TYR A 33 -19.22 -7.28 -8.02
CA TYR A 33 -20.61 -7.50 -8.47
C TYR A 33 -21.42 -6.28 -8.79
N GLN A 34 -21.15 -5.16 -8.13
CA GLN A 34 -22.11 -4.07 -8.14
C GLN A 34 -21.37 -2.79 -7.96
N ASN A 35 -22.01 -1.70 -8.36
CA ASN A 35 -21.57 -0.41 -7.94
C ASN A 35 -22.10 -0.10 -6.55
N VAL A 36 -21.21 0.38 -5.66
CA VAL A 36 -21.54 0.54 -4.27
C VAL A 36 -21.39 2.01 -3.96
N LEU A 37 -22.40 2.61 -3.35
CA LEU A 37 -22.31 4.02 -3.01
C LEU A 37 -22.83 4.17 -1.58
N VAL A 38 -22.08 4.88 -0.72
CA VAL A 38 -22.48 5.20 0.64
C VAL A 38 -22.41 6.74 0.70
N PHE A 39 -23.49 7.36 1.08
CA PHE A 39 -23.52 8.78 1.28
C PHE A 39 -24.32 9.12 2.53
N GLU A 40 -23.98 10.22 3.19
CA GLU A 40 -24.79 10.74 4.25
C GLU A 40 -25.79 11.73 3.56
N SER A 41 -27.09 11.41 3.72
CA SER A 41 -28.16 12.27 3.14
C SER A 41 -28.38 13.37 4.15
N THR A 42 -29.07 14.46 3.77
CA THR A 42 -29.39 15.55 4.72
C THR A 42 -30.49 15.16 5.71
N THR A 43 -31.41 14.29 5.33
CA THR A 43 -32.52 14.05 6.26
C THR A 43 -32.81 12.60 6.61
N TYR A 44 -32.22 11.64 5.91
CA TYR A 44 -32.48 10.25 6.20
C TYR A 44 -31.23 9.56 6.78
N GLY A 45 -30.24 10.34 7.19
CA GLY A 45 -28.93 9.75 7.65
C GLY A 45 -28.17 9.09 6.54
N LYS A 46 -27.37 8.07 6.90
CA LYS A 46 -26.55 7.42 5.87
C LYS A 46 -27.37 6.52 5.00
N VAL A 47 -26.94 6.35 3.77
CA VAL A 47 -27.70 5.67 2.76
C VAL A 47 -26.76 4.74 2.04
N LEU A 48 -27.20 3.52 1.85
CA LEU A 48 -26.46 2.55 1.06
C LEU A 48 -27.19 2.32 -0.26
N VAL A 49 -26.41 2.41 -1.34
CA VAL A 49 -26.88 2.33 -2.71
C VAL A 49 -26.10 1.25 -3.43
N LEU A 50 -26.81 0.33 -4.06
CA LEU A 50 -26.16 -0.66 -4.90
C LEU A 50 -26.73 -0.58 -6.32
N ASP A 51 -25.87 -0.33 -7.32
CA ASP A 51 -26.27 -0.23 -8.73
C ASP A 51 -27.35 0.82 -8.90
N GLY A 52 -27.22 1.93 -8.16
CA GLY A 52 -28.08 3.06 -8.34
C GLY A 52 -29.43 2.85 -7.62
N VAL A 53 -29.58 1.80 -6.81
CA VAL A 53 -30.87 1.55 -6.12
C VAL A 53 -30.65 1.58 -4.62
N ILE A 54 -31.53 2.28 -3.93
CA ILE A 54 -31.41 2.47 -2.50
C ILE A 54 -31.63 1.15 -1.80
N GLN A 55 -30.67 0.75 -0.95
CA GLN A 55 -30.84 -0.51 -0.16
C GLN A 55 -31.37 -0.16 1.24
N LEU A 56 -30.87 0.91 1.84
CA LEU A 56 -31.35 1.25 3.13
C LEU A 56 -30.94 2.64 3.39
N THR A 57 -31.64 3.26 4.35
CA THR A 57 -31.18 4.47 4.99
C THR A 57 -31.32 4.23 6.48
N GLU A 58 -30.55 4.97 7.25
CA GLU A 58 -30.63 4.83 8.68
C GLU A 58 -32.03 5.21 9.24
N LYS A 59 -32.77 6.01 8.49
CA LYS A 59 -34.00 6.61 9.09
C LYS A 59 -35.12 5.60 9.09
N ASP A 60 -35.18 4.75 8.07
CA ASP A 60 -36.36 3.89 7.96
C ASP A 60 -36.03 2.41 7.91
N GLU A 61 -34.74 2.04 7.91
CA GLU A 61 -34.44 0.62 7.73
C GLU A 61 -35.12 -0.26 8.73
N PHE A 62 -35.29 0.18 9.95
CA PHE A 62 -35.95 -0.66 11.00
C PHE A 62 -37.30 -1.20 10.54
N ALA A 63 -38.03 -0.45 9.68
CA ALA A 63 -39.39 -0.91 9.28
C ALA A 63 -39.26 -2.16 8.47
N TYR A 64 -38.38 -2.13 7.52
CA TYR A 64 -38.18 -3.32 6.71
C TYR A 64 -37.48 -4.48 7.52
N HIS A 65 -36.43 -4.20 8.27
CA HIS A 65 -35.71 -5.31 8.92
C HIS A 65 -36.57 -5.94 10.05
N GLU A 66 -37.23 -5.10 10.84
CA GLU A 66 -38.23 -5.65 11.81
C GLU A 66 -39.34 -6.47 11.19
N MET A 67 -39.94 -6.06 10.06
CA MET A 67 -41.10 -6.78 9.58
C MET A 67 -40.65 -8.07 8.96
N MET A 68 -39.60 -8.04 8.16
CA MET A 68 -39.09 -9.26 7.50
C MET A 68 -38.61 -10.32 8.57
N THR A 69 -38.08 -9.87 9.71
CA THR A 69 -37.52 -10.84 10.69
C THR A 69 -38.63 -11.35 11.65
N HIS A 70 -39.44 -10.43 12.17
CA HIS A 70 -40.30 -10.79 13.30
C HIS A 70 -41.60 -11.41 12.89
N VAL A 71 -41.95 -11.25 11.61
CA VAL A 71 -43.11 -11.92 11.10
C VAL A 71 -42.80 -13.43 11.18
N PRO A 72 -41.81 -13.96 10.41
CA PRO A 72 -41.58 -15.42 10.50
C PRO A 72 -41.06 -15.88 11.88
N MET A 73 -40.35 -15.06 12.64
CA MET A 73 -39.72 -15.49 13.94
C MET A 73 -40.71 -15.47 15.15
N THR A 74 -41.89 -14.84 14.98
CA THR A 74 -42.90 -14.96 16.04
C THR A 74 -43.86 -16.10 15.68
N VAL A 75 -43.79 -16.61 14.46
CA VAL A 75 -44.64 -17.68 14.03
C VAL A 75 -43.93 -19.05 14.24
N SER A 76 -42.63 -19.09 13.96
CA SER A 76 -41.81 -20.29 14.26
C SER A 76 -41.79 -20.51 15.73
N LYS A 77 -42.11 -21.72 16.15
CA LYS A 77 -42.20 -21.92 17.62
C LYS A 77 -40.88 -21.88 18.36
N GLU A 78 -39.90 -22.66 17.91
CA GLU A 78 -38.64 -22.60 18.65
C GLU A 78 -37.51 -22.59 17.63
N PRO A 79 -37.34 -21.46 16.92
CA PRO A 79 -36.39 -21.46 15.78
C PRO A 79 -34.95 -21.63 16.30
N LYS A 80 -34.22 -22.60 15.78
CA LYS A 80 -32.82 -22.79 16.30
C LYS A 80 -31.77 -22.41 15.23
N ASN A 81 -32.06 -22.70 13.99
CA ASN A 81 -31.14 -22.41 12.93
C ASN A 81 -31.88 -21.50 11.89
N VAL A 82 -31.36 -20.28 11.71
CA VAL A 82 -31.91 -19.33 10.71
C VAL A 82 -30.89 -19.00 9.62
N LEU A 83 -31.31 -19.01 8.37
CA LEU A 83 -30.48 -18.47 7.26
C LEU A 83 -30.99 -17.12 6.72
N VAL A 84 -30.05 -16.21 6.50
CA VAL A 84 -30.32 -14.98 5.74
C VAL A 84 -29.67 -15.08 4.34
N VAL A 85 -30.46 -14.91 3.29
CA VAL A 85 -29.97 -14.84 1.91
C VAL A 85 -29.81 -13.33 1.56
N GLY A 86 -28.62 -12.96 1.07
CA GLY A 86 -28.37 -11.54 0.80
C GLY A 86 -28.15 -10.91 2.16
N GLY A 87 -28.71 -9.74 2.37
CA GLY A 87 -28.62 -9.08 3.72
C GLY A 87 -27.27 -8.67 4.26
N GLY A 88 -26.30 -8.46 3.36
CA GLY A 88 -24.92 -8.09 3.74
C GLY A 88 -24.84 -6.97 4.75
N ASP A 89 -25.81 -6.04 4.73
CA ASP A 89 -25.73 -4.92 5.66
C ASP A 89 -25.85 -5.36 7.11
N GLY A 90 -26.46 -6.52 7.34
CA GLY A 90 -26.61 -7.09 8.70
C GLY A 90 -27.89 -6.73 9.47
N GLY A 91 -28.79 -5.95 8.86
CA GLY A 91 -29.99 -5.51 9.61
C GLY A 91 -30.86 -6.69 10.03
N ILE A 92 -31.11 -7.64 9.18
CA ILE A 92 -31.82 -8.86 9.60
C ILE A 92 -31.11 -9.58 10.71
N ILE A 93 -29.81 -9.82 10.54
CA ILE A 93 -29.05 -10.49 11.60
C ILE A 93 -29.17 -9.72 12.90
N ARG A 94 -29.16 -8.40 12.81
CA ARG A 94 -29.27 -7.61 14.05
C ARG A 94 -30.61 -7.99 14.78
N GLU A 95 -31.67 -8.16 14.00
CA GLU A 95 -32.99 -8.43 14.60
C GLU A 95 -33.02 -9.87 15.05
N LEU A 96 -32.46 -10.77 14.27
CA LEU A 96 -32.30 -12.18 14.73
C LEU A 96 -31.57 -12.40 16.07
N CYS A 97 -30.49 -11.66 16.33
CA CYS A 97 -29.64 -11.90 17.51
C CYS A 97 -30.46 -11.69 18.78
N LYS A 98 -31.57 -10.95 18.62
CA LYS A 98 -32.43 -10.63 19.75
C LYS A 98 -33.09 -11.87 20.41
N TYR A 99 -33.30 -12.93 19.65
CA TYR A 99 -33.86 -14.17 20.11
C TYR A 99 -32.77 -15.05 20.81
N LYS A 100 -32.81 -15.10 22.14
CA LYS A 100 -31.85 -15.87 22.92
C LYS A 100 -31.83 -17.30 22.47
N SER A 101 -33.00 -17.81 22.07
CA SER A 101 -33.15 -19.20 21.68
C SER A 101 -32.34 -19.60 20.45
N VAL A 102 -32.17 -18.67 19.50
CA VAL A 102 -31.50 -19.04 18.25
C VAL A 102 -30.10 -19.61 18.62
N GLU A 103 -29.72 -20.73 18.03
CA GLU A 103 -28.35 -21.29 18.28
C GLU A 103 -27.36 -20.93 17.16
N ASN A 104 -27.87 -20.75 15.93
CA ASN A 104 -27.01 -20.48 14.78
C ASN A 104 -27.68 -19.57 13.75
N ILE A 105 -26.95 -18.61 13.24
CA ILE A 105 -27.43 -17.75 12.16
C ILE A 105 -26.38 -17.74 11.06
N ASP A 106 -26.75 -18.34 9.95
CA ASP A 106 -25.94 -18.36 8.73
C ASP A 106 -26.40 -17.23 7.81
N ILE A 107 -25.44 -16.57 7.19
CA ILE A 107 -25.78 -15.63 6.14
C ILE A 107 -24.95 -15.96 4.90
N CYS A 108 -25.64 -16.06 3.77
CA CYS A 108 -25.02 -16.20 2.50
C CYS A 108 -25.19 -14.91 1.68
N GLU A 109 -24.08 -14.14 1.60
CA GLU A 109 -24.07 -12.84 0.92
C GLU A 109 -22.99 -12.94 -0.16
N ILE A 110 -23.37 -12.58 -1.38
CA ILE A 110 -22.47 -12.90 -2.53
C ILE A 110 -21.30 -11.88 -2.55
N ASP A 111 -21.56 -10.71 -1.98
CA ASP A 111 -20.62 -9.56 -2.15
C ASP A 111 -19.98 -9.13 -0.81
N GLU A 112 -18.73 -9.55 -0.51
CA GLU A 112 -18.19 -9.30 0.82
C GLU A 112 -17.93 -7.80 1.03
N THR A 113 -17.78 -7.07 -0.08
CA THR A 113 -17.66 -5.59 0.03
C THR A 113 -18.83 -4.99 0.77
N VAL A 114 -20.04 -5.55 0.56
CA VAL A 114 -21.24 -4.97 1.23
C VAL A 114 -21.10 -5.20 2.72
N ILE A 115 -20.70 -6.42 3.16
CA ILE A 115 -20.48 -6.66 4.59
C ILE A 115 -19.43 -5.66 5.16
N GLU A 116 -18.28 -5.53 4.46
CA GLU A 116 -17.15 -4.76 5.00
C GLU A 116 -17.56 -3.31 5.00
N VAL A 117 -18.30 -2.87 3.97
CA VAL A 117 -18.78 -1.49 3.97
C VAL A 117 -19.74 -1.21 5.12
N SER A 118 -20.64 -2.21 5.37
CA SER A 118 -21.59 -2.04 6.48
C SER A 118 -20.88 -2.00 7.84
N LYS A 119 -19.88 -2.86 8.05
CA LYS A 119 -19.10 -2.85 9.30
C LYS A 119 -18.40 -1.54 9.58
N ILE A 120 -17.99 -0.85 8.55
CA ILE A 120 -17.30 0.43 8.72
C ILE A 120 -18.25 1.65 8.87
N TYR A 121 -19.22 1.73 7.97
CA TYR A 121 -20.05 2.95 7.82
C TYR A 121 -21.41 2.77 8.48
N PHE A 122 -21.84 1.54 8.79
CA PHE A 122 -23.21 1.39 9.36
C PHE A 122 -23.17 0.58 10.63
N LYS A 123 -22.46 1.11 11.65
CA LYS A 123 -22.12 0.27 12.83
C LYS A 123 -23.36 -0.17 13.62
N ASN A 124 -24.43 0.64 13.65
CA ASN A 124 -25.70 0.24 14.34
C ASN A 124 -26.57 -0.72 13.55
N ILE A 125 -26.19 -1.00 12.31
CA ILE A 125 -26.89 -1.98 11.50
C ILE A 125 -26.11 -3.30 11.50
N SER A 126 -24.76 -3.17 11.46
CA SER A 126 -23.86 -4.34 11.31
C SER A 126 -23.36 -4.96 12.64
N CYS A 127 -23.93 -4.51 13.77
CA CYS A 127 -23.44 -4.91 15.13
C CYS A 127 -23.56 -6.42 15.36
N GLY A 128 -24.55 -7.03 14.69
CA GLY A 128 -24.85 -8.47 14.81
C GLY A 128 -23.70 -9.38 14.41
N TYR A 129 -22.80 -8.87 13.58
CA TYR A 129 -21.64 -9.64 13.11
C TYR A 129 -20.73 -10.03 14.28
N GLU A 130 -20.76 -9.30 15.38
CA GLU A 130 -20.00 -9.63 16.58
C GLU A 130 -20.47 -10.84 17.40
N ASP A 131 -21.66 -11.34 17.13
CA ASP A 131 -22.32 -12.40 17.88
C ASP A 131 -21.72 -13.69 17.40
N LYS A 132 -21.26 -14.52 18.35
CA LYS A 132 -20.53 -15.75 18.00
C LYS A 132 -21.45 -16.74 17.37
N ARG A 133 -22.78 -16.52 17.38
CA ARG A 133 -23.69 -17.40 16.66
C ARG A 133 -23.76 -17.19 15.13
N VAL A 134 -23.11 -16.18 14.61
CA VAL A 134 -23.28 -15.82 13.20
C VAL A 134 -22.16 -16.32 12.37
N ASN A 135 -22.45 -17.04 11.28
CA ASN A 135 -21.45 -17.56 10.40
C ASN A 135 -21.72 -17.01 8.99
N VAL A 136 -20.71 -16.41 8.38
CA VAL A 136 -20.79 -15.77 7.04
C VAL A 136 -20.25 -16.66 5.93
N PHE A 137 -20.98 -16.76 4.83
CA PHE A 137 -20.59 -17.49 3.63
C PHE A 137 -20.65 -16.47 2.53
N ILE A 138 -19.51 -16.23 1.89
CA ILE A 138 -19.44 -15.37 0.74
C ILE A 138 -19.61 -16.21 -0.50
N GLU A 139 -20.83 -16.25 -0.99
CA GLU A 139 -21.14 -16.95 -2.22
C GLU A 139 -22.57 -16.67 -2.72
N ASP A 140 -22.83 -17.04 -3.96
CA ASP A 140 -24.09 -16.83 -4.58
C ASP A 140 -25.09 -17.75 -3.81
N ALA A 141 -26.19 -17.20 -3.29
CA ALA A 141 -27.16 -18.05 -2.58
C ALA A 141 -27.75 -19.16 -3.46
N SER A 142 -27.76 -18.92 -4.76
CA SER A 142 -28.26 -19.92 -5.67
C SER A 142 -27.41 -21.21 -5.59
N LYS A 143 -26.07 -21.07 -5.51
CA LYS A 143 -25.14 -22.18 -5.25
C LYS A 143 -25.19 -22.68 -3.79
N PHE A 144 -25.08 -21.80 -2.79
CA PHE A 144 -25.14 -22.18 -1.40
C PHE A 144 -26.36 -23.10 -1.12
N LEU A 145 -27.56 -22.65 -1.53
CA LEU A 145 -28.78 -23.47 -1.32
C LEU A 145 -28.80 -24.85 -2.02
N GLU A 146 -28.10 -24.99 -3.13
CA GLU A 146 -27.88 -26.29 -3.70
C GLU A 146 -26.98 -27.11 -2.78
N ASN A 147 -26.04 -26.49 -2.05
CA ASN A 147 -24.98 -27.23 -1.36
C ASN A 147 -25.12 -27.47 0.14
N VAL A 148 -25.93 -26.67 0.80
CA VAL A 148 -25.97 -26.73 2.21
C VAL A 148 -26.50 -28.13 2.66
N THR A 149 -25.95 -28.61 3.76
CA THR A 149 -26.39 -29.88 4.36
C THR A 149 -27.47 -29.70 5.38
N ASN A 150 -27.42 -28.61 6.15
CA ASN A 150 -28.34 -28.35 7.22
C ASN A 150 -29.74 -27.98 6.63
N THR A 151 -30.79 -28.11 7.41
CA THR A 151 -32.08 -27.48 7.07
C THR A 151 -32.37 -26.41 8.12
N TYR A 152 -33.16 -25.36 7.74
CA TYR A 152 -33.37 -24.27 8.61
C TYR A 152 -34.82 -24.21 9.01
N ASP A 153 -35.05 -23.64 10.20
CA ASP A 153 -36.40 -23.35 10.71
C ASP A 153 -36.97 -22.11 9.98
N VAL A 154 -36.11 -21.18 9.57
CA VAL A 154 -36.58 -19.97 8.89
C VAL A 154 -35.52 -19.55 7.92
N ILE A 155 -35.91 -19.21 6.70
CA ILE A 155 -35.03 -18.61 5.72
C ILE A 155 -35.65 -17.21 5.36
N ILE A 156 -34.83 -16.17 5.41
CA ILE A 156 -35.24 -14.80 5.11
C ILE A 156 -34.43 -14.37 3.88
N VAL A 157 -35.10 -14.20 2.73
CA VAL A 157 -34.48 -13.79 1.48
C VAL A 157 -34.49 -12.24 1.44
N ASP A 158 -33.39 -11.64 1.84
CA ASP A 158 -33.21 -10.22 1.83
C ASP A 158 -32.28 -9.87 0.67
N SER A 159 -32.79 -10.04 -0.54
CA SER A 159 -32.03 -9.77 -1.75
C SER A 159 -32.21 -8.31 -2.22
N SER A 160 -31.21 -7.80 -2.92
CA SER A 160 -31.38 -6.67 -3.84
C SER A 160 -32.32 -7.09 -5.04
N ASP A 161 -32.56 -6.16 -5.99
CA ASP A 161 -33.51 -6.38 -7.11
C ASP A 161 -33.03 -7.31 -8.24
N PRO A 162 -33.96 -7.71 -9.15
CA PRO A 162 -33.58 -8.71 -10.18
C PRO A 162 -32.52 -8.29 -11.17
N ILE A 163 -32.23 -7.00 -11.29
CA ILE A 163 -31.11 -6.57 -12.13
C ILE A 163 -29.84 -6.58 -11.32
N GLY A 164 -28.90 -7.46 -11.70
CA GLY A 164 -27.64 -7.57 -11.01
C GLY A 164 -27.46 -8.98 -10.41
N PRO A 165 -26.69 -9.10 -9.32
CA PRO A 165 -26.40 -10.54 -8.96
C PRO A 165 -27.63 -11.21 -8.35
N ALA A 166 -28.66 -10.47 -7.99
CA ALA A 166 -29.88 -11.12 -7.46
C ALA A 166 -30.76 -11.73 -8.53
N GLU A 167 -30.29 -11.68 -9.78
CA GLU A 167 -31.13 -12.16 -10.91
C GLU A 167 -31.48 -13.64 -10.78
N THR A 168 -30.60 -14.40 -10.12
CA THR A 168 -30.83 -15.81 -9.82
C THR A 168 -31.83 -16.10 -8.66
N LEU A 169 -32.33 -15.11 -7.93
CA LEU A 169 -33.17 -15.45 -6.78
C LEU A 169 -34.72 -15.29 -7.06
N PHE A 170 -35.04 -15.14 -8.36
CA PHE A 170 -36.40 -14.73 -8.76
C PHE A 170 -37.08 -15.69 -9.78
N ASN A 171 -36.95 -17.01 -9.54
CA ASN A 171 -37.40 -18.04 -10.47
C ASN A 171 -37.88 -19.30 -9.73
N GLN A 172 -38.53 -20.21 -10.47
CA GLN A 172 -39.12 -21.42 -9.90
C GLN A 172 -38.06 -22.30 -9.17
N ASN A 173 -36.89 -22.45 -9.81
CA ASN A 173 -35.78 -23.25 -9.27
C ASN A 173 -35.37 -22.76 -7.92
N PHE A 174 -35.30 -21.44 -7.74
CA PHE A 174 -34.89 -20.85 -6.50
C PHE A 174 -35.84 -21.28 -5.38
N TYR A 175 -37.15 -21.28 -5.68
CA TYR A 175 -38.16 -21.63 -4.65
C TYR A 175 -38.12 -23.10 -4.23
N GLU A 176 -37.88 -23.99 -5.19
CA GLU A 176 -37.61 -25.42 -4.86
C GLU A 176 -36.38 -25.57 -3.92
N LYS A 177 -35.32 -24.82 -4.17
CA LYS A 177 -34.10 -24.86 -3.31
C LYS A 177 -34.44 -24.42 -1.91
N ILE A 178 -35.25 -23.36 -1.77
CA ILE A 178 -35.68 -22.83 -0.48
C ILE A 178 -36.53 -23.89 0.23
N TYR A 179 -37.48 -24.49 -0.52
CA TYR A 179 -38.38 -25.50 0.08
C TYR A 179 -37.49 -26.63 0.73
N ASN A 180 -36.58 -27.19 -0.08
CA ASN A 180 -35.69 -28.31 0.33
C ASN A 180 -34.76 -27.97 1.52
N ALA A 181 -34.32 -26.72 1.58
CA ALA A 181 -33.51 -26.26 2.73
C ALA A 181 -34.27 -25.91 3.96
N LEU A 182 -35.60 -26.07 3.94
CA LEU A 182 -36.33 -25.74 5.17
C LEU A 182 -36.71 -27.02 5.93
N LYS A 183 -36.81 -26.94 7.25
CA LYS A 183 -37.40 -27.99 8.11
C LYS A 183 -38.86 -28.38 7.59
N PRO A 184 -39.39 -29.58 7.95
CA PRO A 184 -40.76 -29.90 7.46
C PRO A 184 -41.87 -28.85 7.83
N ASN A 185 -41.70 -28.16 8.95
CA ASN A 185 -42.54 -27.06 9.42
C ASN A 185 -41.86 -25.69 9.32
N GLY A 186 -40.94 -25.51 8.37
CA GLY A 186 -40.14 -24.27 8.33
C GLY A 186 -40.85 -23.23 7.46
N TYR A 187 -40.45 -21.96 7.60
CA TYR A 187 -41.02 -20.80 6.89
C TYR A 187 -39.93 -20.10 6.06
N CYS A 188 -40.30 -19.57 4.89
CA CYS A 188 -39.45 -18.60 4.19
C CYS A 188 -40.27 -17.29 3.99
N VAL A 189 -39.67 -16.12 4.28
CA VAL A 189 -40.19 -14.84 3.77
C VAL A 189 -39.20 -14.29 2.73
N ALA A 190 -39.69 -13.65 1.69
CA ALA A 190 -38.76 -13.07 0.69
C ALA A 190 -39.24 -11.63 0.36
N GLN A 191 -38.33 -10.66 0.26
CA GLN A 191 -38.81 -9.34 -0.27
C GLN A 191 -39.37 -9.51 -1.71
N CYS A 192 -40.46 -8.79 -1.97
CA CYS A 192 -41.30 -9.11 -3.12
C CYS A 192 -41.84 -7.76 -3.69
N GLU A 193 -42.34 -7.76 -4.93
CA GLU A 193 -42.59 -6.49 -5.63
C GLU A 193 -43.63 -5.56 -4.99
N SER A 194 -43.35 -4.26 -4.95
CA SER A 194 -44.39 -3.27 -4.55
C SER A 194 -45.68 -3.46 -5.30
N LEU A 195 -46.78 -3.50 -4.55
CA LEU A 195 -48.09 -3.75 -5.18
C LEU A 195 -48.47 -2.60 -6.18
N TRP A 196 -47.85 -1.43 -6.00
CA TRP A 196 -48.12 -0.30 -6.93
C TRP A 196 -47.38 -0.39 -8.25
N ILE A 197 -46.49 -1.36 -8.40
CA ILE A 197 -45.59 -1.36 -9.58
C ILE A 197 -45.71 -2.54 -10.54
N HIS A 198 -45.22 -3.73 -10.24
CA HIS A 198 -45.45 -4.82 -11.24
C HIS A 198 -46.22 -5.95 -10.52
N VAL A 199 -47.54 -5.85 -10.59
CA VAL A 199 -48.42 -6.88 -10.02
C VAL A 199 -48.19 -8.19 -10.76
N GLY A 200 -47.87 -8.11 -12.04
CA GLY A 200 -47.53 -9.33 -12.84
C GLY A 200 -46.39 -10.12 -12.18
N THR A 201 -45.39 -9.40 -11.66
CA THR A 201 -44.30 -10.01 -10.91
C THR A 201 -44.73 -10.68 -9.60
N ILE A 202 -45.53 -10.02 -8.81
CA ILE A 202 -46.11 -10.63 -7.65
C ILE A 202 -46.86 -11.95 -8.02
N LYS A 203 -47.70 -11.89 -9.06
CA LYS A 203 -48.43 -13.07 -9.52
C LYS A 203 -47.44 -14.18 -9.90
N ASN A 204 -46.36 -13.82 -10.56
CA ASN A 204 -45.40 -14.84 -11.02
C ASN A 204 -44.75 -15.51 -9.81
N MET A 205 -44.33 -14.72 -8.82
CA MET A 205 -43.65 -15.21 -7.64
C MET A 205 -44.60 -16.07 -6.80
N ILE A 206 -45.81 -15.56 -6.55
CA ILE A 206 -46.85 -16.37 -5.88
C ILE A 206 -47.10 -17.70 -6.53
N GLY A 207 -47.18 -17.73 -7.85
CA GLY A 207 -47.38 -18.98 -8.58
C GLY A 207 -46.18 -19.92 -8.41
N TYR A 208 -44.97 -19.34 -8.34
CA TYR A 208 -43.75 -20.14 -8.04
C TYR A 208 -43.84 -20.77 -6.68
N ALA A 209 -44.13 -19.97 -5.66
CA ALA A 209 -44.19 -20.47 -4.30
C ALA A 209 -45.29 -21.53 -4.12
N LYS A 210 -46.44 -21.30 -4.76
CA LYS A 210 -47.62 -22.18 -4.64
C LYS A 210 -47.42 -23.57 -5.25
N LYS A 211 -46.50 -23.72 -6.20
CA LYS A 211 -46.13 -25.01 -6.72
C LYS A 211 -45.49 -25.95 -5.64
N LEU A 212 -45.03 -25.39 -4.52
CA LEU A 212 -44.30 -26.13 -3.47
C LEU A 212 -44.90 -25.99 -2.11
N PHE A 213 -45.27 -24.78 -1.76
CA PHE A 213 -45.74 -24.50 -0.43
C PHE A 213 -47.24 -24.64 -0.30
N LYS A 214 -47.63 -25.24 0.81
CA LYS A 214 -49.04 -25.31 1.23
C LYS A 214 -49.76 -23.92 1.28
N LYS A 215 -49.06 -22.88 1.80
CA LYS A 215 -49.69 -21.61 2.16
C LYS A 215 -48.78 -20.44 1.79
N VAL A 216 -49.25 -19.61 0.86
CA VAL A 216 -48.43 -18.55 0.26
C VAL A 216 -49.19 -17.24 0.43
N GLU A 217 -48.69 -16.37 1.28
CA GLU A 217 -49.38 -15.15 1.63
C GLU A 217 -48.46 -13.99 1.17
N TYR A 218 -49.06 -12.81 0.99
CA TYR A 218 -48.31 -11.61 0.64
C TYR A 218 -48.69 -10.52 1.66
N ALA A 219 -47.69 -9.87 2.23
CA ALA A 219 -47.88 -8.80 3.21
C ALA A 219 -47.23 -7.55 2.63
N ASN A 220 -47.56 -6.39 3.17
CA ASN A 220 -47.02 -5.14 2.65
C ASN A 220 -46.45 -4.36 3.83
N ILE A 221 -45.33 -3.69 3.58
CA ILE A 221 -44.62 -2.88 4.59
C ILE A 221 -44.53 -1.45 4.05
N SER A 222 -44.70 -0.49 4.91
CA SER A 222 -44.58 0.88 4.48
C SER A 222 -43.10 1.28 4.77
N ILE A 223 -42.41 1.65 3.70
CA ILE A 223 -41.08 2.20 3.83
C ILE A 223 -40.83 3.23 2.73
N PRO A 224 -40.51 4.41 3.14
CA PRO A 224 -40.62 5.49 2.19
C PRO A 224 -39.51 5.57 1.15
N THR A 225 -38.34 4.99 1.46
CA THR A 225 -37.19 5.12 0.58
C THR A 225 -37.08 3.93 -0.32
N TYR A 226 -38.14 3.09 -0.35
CA TYR A 226 -38.25 2.13 -1.46
C TYR A 226 -39.30 2.64 -2.48
N PRO A 227 -39.17 2.29 -3.73
CA PRO A 227 -40.00 3.00 -4.73
C PRO A 227 -41.48 2.69 -4.50
N CYS A 228 -42.30 3.73 -4.65
CA CYS A 228 -43.72 3.67 -4.35
C CYS A 228 -43.99 3.61 -2.85
N GLY A 229 -42.92 3.67 -1.98
CA GLY A 229 -43.10 3.85 -0.52
C GLY A 229 -43.58 2.59 0.15
N CYS A 230 -43.49 1.46 -0.52
CA CYS A 230 -43.86 0.22 0.13
C CYS A 230 -43.18 -0.98 -0.54
N ILE A 231 -43.16 -2.09 0.16
CA ILE A 231 -42.58 -3.31 -0.37
C ILE A 231 -43.30 -4.56 0.20
N GLY A 232 -43.42 -5.59 -0.63
CA GLY A 232 -44.09 -6.78 -0.18
C GLY A 232 -43.14 -7.83 0.45
N ILE A 233 -43.76 -8.70 1.25
CA ILE A 233 -43.14 -9.94 1.77
C ILE A 233 -43.88 -11.11 1.18
N LEU A 234 -43.20 -11.88 0.34
CA LEU A 234 -43.74 -13.15 -0.03
C LEU A 234 -43.54 -14.19 1.10
N CYS A 235 -44.64 -14.80 1.53
CA CYS A 235 -44.67 -15.61 2.77
C CYS A 235 -44.99 -17.08 2.41
N CYS A 236 -44.05 -18.00 2.73
CA CYS A 236 -44.19 -19.37 2.31
C CYS A 236 -44.14 -20.29 3.55
N SER A 237 -45.19 -21.13 3.67
CA SER A 237 -45.38 -22.01 4.82
C SER A 237 -45.64 -23.39 4.29
N LYS A 238 -45.17 -24.43 5.01
CA LYS A 238 -45.43 -25.80 4.58
C LYS A 238 -46.73 -26.37 5.19
N THR A 239 -47.20 -25.78 6.28
CA THR A 239 -48.44 -26.14 6.92
C THR A 239 -49.56 -25.22 6.49
N ASP A 240 -50.81 -25.62 6.65
CA ASP A 240 -51.88 -24.78 6.15
C ASP A 240 -52.09 -23.54 6.95
N THR A 241 -51.50 -23.49 8.12
CA THR A 241 -51.75 -22.34 9.02
C THR A 241 -51.09 -21.00 8.65
N GLY A 242 -50.03 -21.00 7.82
CA GLY A 242 -49.50 -19.71 7.27
C GLY A 242 -48.79 -18.79 8.26
N LEU A 243 -48.56 -17.54 7.85
CA LEU A 243 -47.76 -16.62 8.65
C LEU A 243 -48.46 -15.33 9.17
N THR A 244 -49.80 -15.25 9.04
CA THR A 244 -50.53 -13.97 9.41
C THR A 244 -50.70 -13.80 10.88
N LYS A 245 -50.52 -14.89 11.63
CA LYS A 245 -50.84 -14.83 13.06
C LYS A 245 -49.66 -15.21 13.98
N PRO A 246 -49.10 -14.25 14.73
CA PRO A 246 -47.96 -14.57 15.58
C PRO A 246 -48.35 -15.56 16.70
N ASN A 247 -47.36 -16.36 17.13
CA ASN A 247 -47.52 -17.36 18.16
C ASN A 247 -46.91 -16.94 19.43
N LYS A 248 -46.37 -15.72 19.51
CA LYS A 248 -45.69 -15.29 20.70
C LYS A 248 -45.64 -13.78 20.68
N LYS A 249 -45.50 -13.18 21.85
CA LYS A 249 -45.26 -11.75 21.93
C LYS A 249 -43.84 -11.43 22.33
N LEU A 250 -43.34 -10.28 21.88
CA LEU A 250 -41.96 -9.94 22.08
C LEU A 250 -41.78 -9.09 23.32
N GLU A 251 -41.71 -9.74 24.49
CA GLU A 251 -41.78 -8.98 25.74
C GLU A 251 -40.47 -8.80 26.47
N SER A 252 -39.49 -9.69 26.23
CA SER A 252 -38.20 -9.62 26.92
C SER A 252 -37.43 -8.36 26.58
N LYS A 253 -36.40 -8.07 27.38
CA LYS A 253 -35.69 -6.79 27.28
C LYS A 253 -35.02 -6.47 25.92
N GLU A 254 -34.65 -7.51 25.15
CA GLU A 254 -33.94 -7.36 23.87
C GLU A 254 -34.84 -6.72 22.81
N PHE A 255 -36.16 -6.80 23.03
CA PHE A 255 -37.15 -6.26 22.12
C PHE A 255 -37.76 -4.94 22.53
N ALA A 256 -37.38 -4.46 23.68
CA ALA A 256 -37.91 -3.19 24.18
C ALA A 256 -37.86 -2.09 23.10
N ASP A 257 -36.71 -1.99 22.43
CA ASP A 257 -36.31 -1.00 21.40
C ASP A 257 -37.00 -1.06 20.02
N LEU A 258 -37.90 -2.02 19.81
CA LEU A 258 -38.51 -2.16 18.50
C LEU A 258 -39.27 -0.88 18.11
N LYS A 259 -39.18 -0.54 16.85
CA LYS A 259 -39.74 0.68 16.33
C LYS A 259 -40.86 0.58 15.29
N TYR A 260 -41.12 -0.57 14.71
CA TYR A 260 -42.22 -0.73 13.80
C TYR A 260 -43.08 -1.94 14.13
N TYR A 261 -42.45 -3.05 14.42
CA TYR A 261 -43.16 -4.33 14.47
C TYR A 261 -43.82 -4.59 15.83
N ASN A 262 -45.13 -4.86 15.80
CA ASN A 262 -45.87 -5.26 17.03
C ASN A 262 -46.85 -6.32 16.68
N TYR A 263 -47.44 -6.91 17.71
CA TYR A 263 -48.31 -8.08 17.51
C TYR A 263 -49.49 -7.78 16.54
N GLU A 264 -50.12 -6.65 16.69
CA GLU A 264 -51.23 -6.27 15.74
C GLU A 264 -50.81 -5.89 14.31
N ASN A 265 -49.65 -5.18 14.15
CA ASN A 265 -49.11 -4.80 12.82
C ASN A 265 -48.85 -6.03 12.03
N HIS A 266 -48.50 -7.08 12.77
CA HIS A 266 -48.12 -8.31 12.12
C HIS A 266 -49.28 -8.75 11.25
N SER A 267 -50.49 -8.92 11.86
CA SER A 267 -51.63 -9.48 11.12
C SER A 267 -52.13 -8.42 10.11
N ALA A 268 -52.01 -7.16 10.48
CA ALA A 268 -52.55 -6.07 9.61
C ALA A 268 -51.87 -5.95 8.25
N ALA A 269 -50.57 -6.30 8.21
CA ALA A 269 -49.73 -6.21 7.01
C ALA A 269 -50.31 -7.09 5.96
N PHE A 270 -51.15 -8.05 6.40
CA PHE A 270 -51.63 -9.02 5.39
C PHE A 270 -53.02 -8.58 4.80
N LYS A 271 -53.54 -7.47 5.30
CA LYS A 271 -54.86 -6.95 4.78
C LYS A 271 -54.60 -6.05 3.57
N LEU A 272 -54.75 -6.56 2.38
CA LEU A 272 -54.29 -5.92 1.16
C LEU A 272 -55.45 -5.10 0.45
N PRO A 273 -55.07 -4.19 -0.46
CA PRO A 273 -56.04 -3.46 -1.34
C PRO A 273 -56.88 -4.37 -2.20
N ALA A 274 -58.13 -3.99 -2.45
CA ALA A 274 -59.04 -4.78 -3.26
C ALA A 274 -58.51 -5.19 -4.61
N PHE A 275 -57.86 -4.29 -5.31
CA PHE A 275 -57.44 -4.61 -6.66
C PHE A 275 -56.35 -5.74 -6.66
N LEU A 276 -55.49 -5.73 -5.64
CA LEU A 276 -54.43 -6.80 -5.45
C LEU A 276 -55.09 -8.21 -5.20
N LEU A 277 -56.07 -8.30 -4.31
CA LEU A 277 -56.74 -9.57 -4.01
C LEU A 277 -57.37 -10.08 -5.26
N LYS A 278 -57.99 -9.21 -6.05
CA LYS A 278 -58.59 -9.64 -7.29
C LYS A 278 -57.56 -10.18 -8.28
N GLU A 279 -56.41 -9.52 -8.39
CA GLU A 279 -55.42 -10.03 -9.35
C GLU A 279 -54.82 -11.45 -8.99
N ILE A 280 -54.74 -11.73 -7.70
CA ILE A 280 -54.05 -12.91 -7.19
C ILE A 280 -55.02 -13.89 -6.57
N GLU A 281 -56.26 -13.92 -7.05
CA GLU A 281 -57.27 -14.82 -6.48
C GLU A 281 -57.28 -16.15 -7.25
N ASN A 282 -57.09 -16.12 -8.60
CA ASN A 282 -57.15 -17.36 -9.44
C ASN A 282 -55.77 -18.00 -9.80
N ILE A 283 -54.68 -17.56 -9.14
CA ILE A 283 -53.36 -18.22 -9.28
C ILE A 283 -53.40 -19.58 -8.58
N LYS B 3 -4.96 22.46 7.44
CA LYS B 3 -4.81 21.17 6.77
C LYS B 3 -3.56 20.45 7.22
N LYS B 4 -3.70 19.24 7.64
CA LYS B 4 -2.78 18.66 8.64
C LYS B 4 -1.68 17.70 8.07
N TRP B 5 -0.66 17.40 8.88
CA TRP B 5 0.40 16.46 8.44
C TRP B 5 0.47 15.16 9.26
N PHE B 6 0.71 14.04 8.60
CA PHE B 6 0.96 12.87 9.40
C PHE B 6 2.49 12.78 9.68
N SER B 7 2.91 12.49 10.92
CA SER B 7 4.34 12.34 11.22
C SER B 7 4.69 10.97 11.79
N GLU B 8 5.69 10.35 11.21
CA GLU B 8 6.10 9.03 11.66
C GLU B 8 7.35 9.21 12.50
N PHE B 9 7.26 8.99 13.82
CA PHE B 9 8.45 8.99 14.69
C PHE B 9 8.37 7.78 15.53
N SER B 10 9.48 7.39 16.08
CA SER B 10 9.55 6.16 16.77
C SER B 10 10.81 5.98 17.61
N ILE B 11 10.66 5.31 18.76
CA ILE B 11 11.84 4.80 19.50
C ILE B 11 12.74 3.83 18.73
N MET B 12 12.28 3.19 17.64
CA MET B 12 13.10 2.31 16.85
C MET B 12 14.10 3.07 15.94
N TRP B 13 13.89 4.38 15.76
CA TRP B 13 14.72 5.27 14.92
C TRP B 13 14.75 6.72 15.52
N PRO B 14 15.33 6.84 16.72
CA PRO B 14 15.22 8.13 17.46
C PRO B 14 15.96 9.29 16.73
N GLY B 15 15.57 10.55 16.95
CA GLY B 15 16.33 11.64 16.34
C GLY B 15 15.89 12.08 14.94
N GLN B 16 15.07 11.28 14.23
CA GLN B 16 14.58 11.63 12.91
C GLN B 16 13.07 11.31 12.73
N ALA B 17 12.45 11.91 11.69
CA ALA B 17 11.05 11.67 11.39
C ALA B 17 10.74 12.01 9.93
N PHE B 18 9.70 11.37 9.43
CA PHE B 18 9.21 11.59 8.06
C PHE B 18 7.71 11.93 8.15
N SER B 19 7.31 12.99 7.48
CA SER B 19 5.93 13.50 7.47
C SER B 19 5.33 13.54 6.07
N LEU B 20 4.05 13.23 5.96
CA LEU B 20 3.29 13.37 4.69
C LEU B 20 2.09 14.28 4.97
N LYS B 21 1.81 15.22 4.10
CA LYS B 21 0.63 16.09 4.20
C LYS B 21 -0.66 15.32 3.96
N ILE B 22 -1.63 15.51 4.82
CA ILE B 22 -2.90 14.77 4.74
C ILE B 22 -3.96 15.47 3.92
N LYS B 23 -4.42 14.82 2.86
CA LYS B 23 -5.60 15.32 2.12
C LYS B 23 -6.92 15.01 2.86
N LYS B 24 -7.11 13.78 3.30
CA LYS B 24 -8.25 13.51 4.22
C LYS B 24 -8.03 12.14 4.84
N ILE B 25 -8.54 11.98 6.05
CA ILE B 25 -8.50 10.72 6.79
C ILE B 25 -9.63 9.87 6.25
N LEU B 26 -9.37 8.60 5.92
CA LEU B 26 -10.44 7.76 5.41
C LEU B 26 -10.94 6.83 6.44
N TYR B 27 -10.07 6.36 7.31
CA TYR B 27 -10.42 5.33 8.28
C TYR B 27 -9.47 5.28 9.42
N GLU B 28 -10.02 5.13 10.63
CA GLU B 28 -9.19 5.06 11.81
C GLU B 28 -9.92 4.21 12.83
N THR B 29 -9.29 3.21 13.40
CA THR B 29 -9.92 2.36 14.39
C THR B 29 -8.87 1.54 15.09
N LYS B 30 -9.20 1.03 16.24
CA LYS B 30 -8.31 0.21 16.99
C LYS B 30 -8.81 -1.18 16.76
N SER B 31 -7.95 -2.07 16.30
CA SER B 31 -8.37 -3.46 16.14
C SER B 31 -8.03 -4.19 17.43
N LYS B 32 -8.28 -5.48 17.46
CA LYS B 32 -7.89 -6.28 18.61
C LYS B 32 -6.36 -6.18 18.81
N TYR B 33 -5.61 -5.84 17.74
CA TYR B 33 -4.16 -5.98 17.83
C TYR B 33 -3.35 -4.70 17.74
N GLN B 34 -3.89 -3.67 17.11
CA GLN B 34 -3.07 -2.51 16.79
C GLN B 34 -3.94 -1.41 16.32
N ASN B 35 -3.43 -0.20 16.31
CA ASN B 35 -4.14 0.94 15.78
C ASN B 35 -3.98 1.07 14.30
N VAL B 36 -5.09 1.31 13.61
CA VAL B 36 -5.15 1.23 12.15
C VAL B 36 -5.57 2.56 11.66
N LEU B 37 -4.77 3.15 10.76
CA LEU B 37 -5.02 4.43 10.19
C LEU B 37 -4.84 4.38 8.70
N VAL B 38 -5.86 4.90 8.02
CA VAL B 38 -5.87 5.01 6.57
C VAL B 38 -6.15 6.43 6.13
N PHE B 39 -5.21 7.05 5.40
CA PHE B 39 -5.52 8.39 4.91
C PHE B 39 -5.11 8.59 3.49
N GLU B 40 -5.67 9.63 2.84
CA GLU B 40 -5.21 10.03 1.53
C GLU B 40 -4.23 11.16 1.76
N SER B 41 -2.97 10.96 1.34
CA SER B 41 -1.93 11.97 1.43
C SER B 41 -2.03 12.83 0.18
N THR B 42 -1.44 14.02 0.19
CA THR B 42 -1.59 14.94 -0.97
C THR B 42 -0.70 14.50 -2.16
N THR B 43 0.42 13.82 -1.87
CA THR B 43 1.25 13.50 -3.01
C THR B 43 1.69 12.04 -3.13
N TYR B 44 1.35 11.15 -2.18
CA TYR B 44 1.77 9.74 -2.23
C TYR B 44 0.55 8.79 -2.42
N GLY B 45 -0.64 9.34 -2.78
CA GLY B 45 -1.86 8.53 -2.78
C GLY B 45 -2.25 8.09 -1.38
N LYS B 46 -3.01 7.01 -1.30
CA LYS B 46 -3.45 6.53 0.00
C LYS B 46 -2.33 5.84 0.81
N VAL B 47 -2.38 5.98 2.14
CA VAL B 47 -1.37 5.53 3.11
C VAL B 47 -1.97 4.65 4.21
N LEU B 48 -1.32 3.60 4.58
CA LEU B 48 -1.79 2.84 5.68
C LEU B 48 -0.74 2.90 6.71
N VAL B 49 -1.22 2.91 7.87
CA VAL B 49 -0.38 3.05 9.08
C VAL B 49 -0.87 2.10 10.19
N LEU B 50 0.08 1.41 10.83
CA LEU B 50 -0.18 0.48 11.92
C LEU B 50 0.64 0.97 13.15
N ASP B 51 -0.02 1.14 14.27
CA ASP B 51 0.66 1.69 15.45
C ASP B 51 1.63 2.86 15.10
N GLY B 52 1.19 3.78 14.27
CA GLY B 52 1.97 5.04 14.07
C GLY B 52 3.13 4.84 13.09
N VAL B 53 3.26 3.65 12.51
CA VAL B 53 4.32 3.37 11.57
C VAL B 53 3.73 3.12 10.16
N ILE B 54 4.30 3.78 9.14
CA ILE B 54 3.84 3.64 7.74
C ILE B 54 4.09 2.23 7.28
N GLN B 55 3.05 1.57 6.82
CA GLN B 55 3.16 0.27 6.27
C GLN B 55 3.33 0.34 4.75
N LEU B 56 2.55 1.19 4.08
CA LEU B 56 2.67 1.34 2.59
C LEU B 56 2.10 2.67 2.12
N THR B 57 2.46 3.13 0.93
CA THR B 57 1.69 4.20 0.28
C THR B 57 1.44 3.74 -1.14
N GLU B 58 0.43 4.23 -1.78
CA GLU B 58 0.20 3.82 -3.17
C GLU B 58 1.34 4.21 -4.14
N LYS B 59 2.03 5.31 -3.87
CA LYS B 59 2.97 5.81 -4.84
C LYS B 59 4.22 4.86 -4.95
N ASP B 60 4.63 4.21 -3.85
CA ASP B 60 5.96 3.49 -3.86
C ASP B 60 5.88 2.05 -3.40
N GLU B 61 4.71 1.63 -2.98
CA GLU B 61 4.49 0.28 -2.48
C GLU B 61 5.06 -0.79 -3.42
N PHE B 62 4.99 -0.54 -4.73
CA PHE B 62 5.47 -1.57 -5.69
C PHE B 62 6.96 -1.94 -5.54
N ALA B 63 7.82 -0.99 -5.12
CA ALA B 63 9.28 -1.21 -4.98
C ALA B 63 9.54 -2.39 -3.99
N TYR B 64 8.88 -2.31 -2.86
CA TYR B 64 9.04 -3.25 -1.80
C TYR B 64 8.34 -4.55 -2.15
N HIS B 65 7.08 -4.46 -2.54
CA HIS B 65 6.35 -5.78 -2.87
C HIS B 65 6.96 -6.51 -4.00
N GLU B 66 7.38 -5.74 -5.02
CA GLU B 66 8.07 -6.40 -6.15
C GLU B 66 9.41 -7.05 -5.80
N MET B 67 10.32 -6.34 -5.12
CA MET B 67 11.67 -6.88 -4.79
C MET B 67 11.49 -8.03 -3.80
N MET B 68 10.60 -7.89 -2.78
CA MET B 68 10.43 -9.00 -1.81
C MET B 68 9.92 -10.29 -2.44
N THR B 69 9.08 -10.13 -3.47
CA THR B 69 8.50 -11.30 -4.17
C THR B 69 9.39 -11.85 -5.29
N HIS B 70 9.85 -10.97 -6.20
CA HIS B 70 10.42 -11.44 -7.40
C HIS B 70 11.86 -11.83 -7.20
N VAL B 71 12.51 -11.38 -6.12
CA VAL B 71 13.83 -11.97 -5.79
C VAL B 71 13.79 -13.50 -5.50
N PRO B 72 12.99 -13.99 -4.51
CA PRO B 72 13.03 -15.42 -4.31
C PRO B 72 12.27 -16.19 -5.46
N MET B 73 11.25 -15.53 -6.07
CA MET B 73 10.42 -16.26 -7.06
C MET B 73 11.10 -16.37 -8.39
N THR B 74 12.17 -15.62 -8.65
CA THR B 74 12.90 -15.88 -9.93
C THR B 74 14.07 -16.81 -9.69
N VAL B 75 14.28 -17.27 -8.46
CA VAL B 75 15.39 -18.17 -8.11
C VAL B 75 14.81 -19.58 -7.87
N SER B 76 13.78 -19.68 -7.00
CA SER B 76 13.08 -20.97 -6.74
C SER B 76 12.58 -21.52 -8.08
N LYS B 77 12.86 -22.78 -8.36
CA LYS B 77 12.43 -23.35 -9.65
C LYS B 77 11.00 -23.95 -9.52
N GLU B 78 10.06 -23.53 -10.33
CA GLU B 78 8.68 -24.11 -10.16
C GLU B 78 8.21 -24.30 -8.67
N PRO B 79 8.15 -23.19 -7.85
CA PRO B 79 7.58 -23.25 -6.51
C PRO B 79 6.05 -23.59 -6.60
N LYS B 80 5.58 -24.55 -5.80
CA LYS B 80 4.20 -24.99 -5.73
C LYS B 80 3.50 -24.40 -4.51
N ASN B 81 4.22 -24.24 -3.39
CA ASN B 81 3.60 -23.76 -2.15
C ASN B 81 4.41 -22.56 -1.63
N VAL B 82 3.71 -21.42 -1.37
CA VAL B 82 4.43 -20.26 -0.87
C VAL B 82 3.59 -19.77 0.28
N LEU B 83 4.25 -19.29 1.33
CA LEU B 83 3.55 -18.73 2.45
C LEU B 83 3.96 -17.28 2.56
N VAL B 84 2.98 -16.42 2.86
CA VAL B 84 3.27 -15.09 3.24
C VAL B 84 2.98 -14.89 4.74
N VAL B 85 3.94 -14.37 5.49
CA VAL B 85 3.78 -14.22 6.93
C VAL B 85 3.50 -12.77 7.05
N GLY B 86 2.39 -12.40 7.71
CA GLY B 86 1.95 -11.01 7.76
C GLY B 86 1.34 -10.58 6.44
N GLY B 87 1.69 -9.40 5.91
CA GLY B 87 1.23 -9.12 4.50
C GLY B 87 -0.29 -9.01 4.28
N GLY B 88 -1.03 -8.57 5.30
CA GLY B 88 -2.51 -8.48 5.21
C GLY B 88 -2.96 -7.52 4.10
N ASP B 89 -2.12 -6.52 3.74
CA ASP B 89 -2.52 -5.56 2.69
C ASP B 89 -2.68 -6.27 1.37
N GLY B 90 -2.00 -7.39 1.25
CA GLY B 90 -2.10 -8.19 0.01
C GLY B 90 -1.08 -7.92 -1.09
N GLY B 91 -0.18 -6.96 -0.88
CA GLY B 91 0.74 -6.56 -2.02
C GLY B 91 1.64 -7.72 -2.41
N ILE B 92 2.16 -8.47 -1.44
CA ILE B 92 2.98 -9.67 -1.82
C ILE B 92 2.11 -10.70 -2.61
N ILE B 93 0.91 -10.92 -2.13
CA ILE B 93 -0.02 -11.85 -2.76
C ILE B 93 -0.30 -11.48 -4.22
N ARG B 94 -0.52 -10.22 -4.44
CA ARG B 94 -0.69 -9.65 -5.81
C ARG B 94 0.47 -10.01 -6.70
N GLU B 95 1.67 -9.82 -6.19
CA GLU B 95 2.83 -10.15 -7.04
C GLU B 95 2.96 -11.66 -7.17
N LEU B 96 2.62 -12.38 -6.11
CA LEU B 96 2.74 -13.88 -6.26
C LEU B 96 1.74 -14.49 -7.30
N CYS B 97 0.53 -13.90 -7.38
CA CYS B 97 -0.55 -14.40 -8.29
C CYS B 97 -0.08 -14.43 -9.78
N LYS B 98 0.95 -13.65 -10.08
CA LYS B 98 1.43 -13.41 -11.41
C LYS B 98 2.12 -14.72 -11.86
N TYR B 99 2.50 -15.60 -10.90
CA TYR B 99 3.14 -16.89 -11.20
C TYR B 99 2.04 -17.96 -11.34
N LYS B 100 1.75 -18.28 -12.60
CA LYS B 100 0.67 -19.26 -13.03
C LYS B 100 0.80 -20.67 -12.43
N SER B 101 2.04 -21.07 -12.26
CA SER B 101 2.35 -22.39 -11.81
C SER B 101 2.39 -22.63 -10.30
N VAL B 102 2.36 -21.57 -9.50
CA VAL B 102 2.15 -21.79 -8.04
C VAL B 102 0.75 -22.43 -7.81
N GLU B 103 0.66 -23.38 -6.88
CA GLU B 103 -0.64 -24.04 -6.59
C GLU B 103 -1.36 -23.45 -5.44
N ASN B 104 -0.63 -23.14 -4.36
CA ASN B 104 -1.32 -22.65 -3.15
C ASN B 104 -0.51 -21.50 -2.67
N ILE B 105 -1.19 -20.42 -2.36
CA ILE B 105 -0.55 -19.26 -1.80
C ILE B 105 -1.23 -19.11 -0.43
N ASP B 106 -0.54 -19.44 0.63
CA ASP B 106 -1.09 -19.35 1.97
C ASP B 106 -0.61 -18.07 2.58
N ILE B 107 -1.46 -17.48 3.39
CA ILE B 107 -1.06 -16.22 4.02
C ILE B 107 -1.50 -16.33 5.48
N CYS B 108 -0.64 -15.97 6.46
CA CYS B 108 -0.98 -16.07 7.86
C CYS B 108 -0.85 -14.66 8.39
N GLU B 109 -1.98 -14.01 8.65
CA GLU B 109 -2.02 -12.64 9.03
C GLU B 109 -2.78 -12.63 10.41
N ILE B 110 -2.17 -12.05 11.44
CA ILE B 110 -2.76 -12.05 12.78
C ILE B 110 -4.04 -11.23 12.85
N ASP B 111 -4.12 -10.17 12.02
CA ASP B 111 -5.13 -9.13 12.11
C ASP B 111 -6.07 -8.99 10.91
N GLU B 112 -7.24 -9.63 11.01
CA GLU B 112 -8.17 -9.67 9.92
C GLU B 112 -8.66 -8.31 9.49
N THR B 113 -8.61 -7.34 10.41
CA THR B 113 -9.09 -6.01 10.04
C THR B 113 -8.15 -5.34 9.03
N VAL B 114 -6.88 -5.75 9.05
CA VAL B 114 -5.95 -5.15 8.05
C VAL B 114 -6.40 -5.63 6.63
N ILE B 115 -6.77 -6.89 6.52
CA ILE B 115 -7.21 -7.43 5.19
C ILE B 115 -8.49 -6.67 4.71
N GLU B 116 -9.45 -6.51 5.62
CA GLU B 116 -10.69 -5.80 5.24
C GLU B 116 -10.52 -4.38 4.82
N VAL B 117 -9.74 -3.63 5.58
CA VAL B 117 -9.38 -2.28 5.22
C VAL B 117 -8.64 -2.19 3.87
N SER B 118 -7.78 -3.16 3.63
CA SER B 118 -7.06 -3.17 2.40
C SER B 118 -7.96 -3.49 1.17
N LYS B 119 -8.89 -4.45 1.33
CA LYS B 119 -9.90 -4.70 0.27
C LYS B 119 -10.81 -3.50 0.00
N ILE B 120 -11.02 -2.67 1.00
CA ILE B 120 -11.93 -1.52 0.88
C ILE B 120 -11.17 -0.29 0.27
N TYR B 121 -9.99 0.05 0.80
CA TYR B 121 -9.32 1.30 0.44
C TYR B 121 -8.10 1.16 -0.48
N PHE B 122 -7.63 -0.07 -0.67
CA PHE B 122 -6.41 -0.29 -1.52
C PHE B 122 -6.66 -1.39 -2.52
N LYS B 123 -7.68 -1.19 -3.33
CA LYS B 123 -8.10 -2.20 -4.30
C LYS B 123 -7.00 -2.68 -5.26
N ASN B 124 -6.12 -1.79 -5.71
CA ASN B 124 -5.02 -2.17 -6.59
C ASN B 124 -3.92 -2.98 -5.88
N ILE B 125 -3.98 -3.05 -4.54
CA ILE B 125 -3.03 -3.79 -3.78
C ILE B 125 -3.64 -5.08 -3.31
N SER B 126 -4.93 -5.03 -2.95
CA SER B 126 -5.58 -6.24 -2.37
C SER B 126 -6.29 -7.11 -3.39
N CYS B 127 -6.12 -6.87 -4.69
CA CYS B 127 -6.92 -7.52 -5.74
C CYS B 127 -6.63 -9.05 -5.82
N GLY B 128 -5.46 -9.46 -5.31
CA GLY B 128 -5.00 -10.87 -5.37
C GLY B 128 -5.84 -11.81 -4.49
N TYR B 129 -6.51 -11.28 -3.48
CA TYR B 129 -7.33 -12.11 -2.59
C TYR B 129 -8.47 -12.79 -3.39
N GLU B 130 -8.84 -12.23 -4.53
CA GLU B 130 -9.85 -12.87 -5.44
C GLU B 130 -9.33 -14.12 -6.10
N ASP B 131 -8.00 -14.30 -6.12
CA ASP B 131 -7.46 -15.51 -6.76
C ASP B 131 -7.79 -16.76 -5.97
N LYS B 132 -8.29 -17.78 -6.67
CA LYS B 132 -8.85 -18.95 -5.99
C LYS B 132 -7.76 -19.74 -5.34
N ARG B 133 -6.48 -19.44 -5.62
CA ARG B 133 -5.43 -20.23 -5.01
C ARG B 133 -5.07 -19.67 -3.59
N VAL B 134 -5.64 -18.53 -3.20
CA VAL B 134 -5.21 -17.90 -1.97
C VAL B 134 -5.95 -18.54 -0.77
N ASN B 135 -5.23 -18.92 0.31
CA ASN B 135 -5.88 -19.41 1.51
C ASN B 135 -5.47 -18.52 2.64
N VAL B 136 -6.45 -17.97 3.33
CA VAL B 136 -6.11 -16.95 4.31
C VAL B 136 -6.22 -17.61 5.70
N PHE B 137 -5.21 -17.50 6.58
CA PHE B 137 -5.28 -18.09 7.94
C PHE B 137 -5.09 -16.92 8.87
N ILE B 138 -5.99 -16.73 9.85
CA ILE B 138 -5.99 -15.55 10.73
C ILE B 138 -5.45 -16.08 12.04
N GLU B 139 -4.13 -15.98 12.22
CA GLU B 139 -3.41 -16.57 13.34
C GLU B 139 -2.08 -15.83 13.50
N ASP B 140 -1.42 -15.96 14.68
CA ASP B 140 -0.06 -15.48 14.93
C ASP B 140 0.85 -16.42 14.18
N ALA B 141 1.68 -15.90 13.28
CA ALA B 141 2.49 -16.74 12.43
C ALA B 141 3.46 -17.60 13.25
N SER B 142 3.82 -17.13 14.42
CA SER B 142 4.74 -17.84 15.27
C SER B 142 4.04 -19.11 15.76
N LYS B 143 2.73 -19.02 15.99
CA LYS B 143 1.96 -20.20 16.40
C LYS B 143 1.71 -21.07 15.16
N PHE B 144 1.32 -20.42 14.05
CA PHE B 144 1.06 -21.10 12.75
C PHE B 144 2.22 -21.96 12.33
N LEU B 145 3.43 -21.41 12.42
CA LEU B 145 4.64 -22.11 11.97
C LEU B 145 5.11 -23.23 12.88
N GLU B 146 4.64 -23.28 14.11
CA GLU B 146 5.24 -24.30 14.96
C GLU B 146 4.99 -25.76 14.60
N ASN B 147 3.92 -26.07 13.88
CA ASN B 147 3.87 -27.45 13.42
C ASN B 147 3.71 -27.45 11.90
N VAL B 148 4.57 -26.68 11.22
CA VAL B 148 4.61 -26.88 9.76
C VAL B 148 5.97 -27.39 9.50
N THR B 149 6.08 -28.47 8.74
CA THR B 149 7.38 -28.93 8.41
C THR B 149 7.40 -29.29 6.91
N ASN B 150 8.50 -28.96 6.24
CA ASN B 150 8.69 -29.49 4.96
C ASN B 150 7.57 -29.20 3.95
N THR B 151 7.06 -27.96 3.96
CA THR B 151 5.92 -27.63 3.22
C THR B 151 6.20 -26.57 2.15
N TYR B 152 6.80 -25.43 2.51
CA TYR B 152 6.87 -24.29 1.56
C TYR B 152 8.14 -24.19 0.72
N ASP B 153 7.99 -23.89 -0.56
CA ASP B 153 9.12 -23.61 -1.41
C ASP B 153 9.72 -22.24 -1.14
N VAL B 154 8.87 -21.29 -0.75
CA VAL B 154 9.28 -19.93 -0.40
C VAL B 154 8.42 -19.46 0.71
N ILE B 155 9.08 -18.78 1.67
CA ILE B 155 8.32 -18.08 2.66
C ILE B 155 8.77 -16.62 2.65
N ILE B 156 7.83 -15.66 2.58
CA ILE B 156 8.16 -14.28 2.52
C ILE B 156 7.64 -13.71 3.82
N VAL B 157 8.54 -13.14 4.63
CA VAL B 157 8.10 -12.59 5.90
C VAL B 157 7.90 -11.09 5.69
N ASP B 158 6.63 -10.71 5.53
CA ASP B 158 6.27 -9.31 5.40
C ASP B 158 5.55 -8.81 6.65
N SER B 159 6.29 -8.75 7.75
CA SER B 159 5.70 -8.46 9.01
C SER B 159 5.78 -6.92 9.22
N SER B 160 5.00 -6.44 10.17
CA SER B 160 5.18 -5.13 10.74
C SER B 160 6.42 -5.15 11.71
N ASP B 161 6.82 -4.00 12.25
CA ASP B 161 8.02 -3.89 13.13
C ASP B 161 7.87 -4.60 14.49
N PRO B 162 9.01 -4.88 15.19
CA PRO B 162 8.91 -5.70 16.46
C PRO B 162 8.03 -5.15 17.58
N ILE B 163 7.63 -3.86 17.51
CA ILE B 163 6.71 -3.35 18.54
C ILE B 163 5.27 -3.56 18.05
N GLY B 164 4.52 -4.37 18.79
CA GLY B 164 3.14 -4.68 18.36
C GLY B 164 3.05 -6.19 18.08
N PRO B 165 2.01 -6.64 17.34
CA PRO B 165 1.85 -8.12 17.32
C PRO B 165 3.06 -8.82 16.68
N ALA B 166 3.93 -8.11 15.98
CA ALA B 166 5.06 -8.82 15.37
C ALA B 166 6.21 -9.16 16.36
N GLU B 167 6.07 -8.77 17.62
CA GLU B 167 6.99 -9.20 18.73
C GLU B 167 7.51 -10.62 18.62
N THR B 168 6.59 -11.53 18.30
CA THR B 168 6.87 -12.98 18.26
C THR B 168 7.70 -13.45 17.05
N LEU B 169 8.05 -12.55 16.13
CA LEU B 169 8.65 -12.97 14.82
C LEU B 169 10.12 -12.62 14.63
N PHE B 170 10.76 -12.15 15.69
CA PHE B 170 12.09 -11.53 15.51
C PHE B 170 13.26 -12.26 16.22
N ASN B 171 12.92 -13.31 16.96
CA ASN B 171 13.87 -14.09 17.76
C ASN B 171 14.39 -15.23 16.92
N GLN B 172 15.35 -15.96 17.48
CA GLN B 172 16.03 -17.10 16.85
C GLN B 172 15.07 -18.29 16.66
N ASN B 173 14.15 -18.42 17.58
CA ASN B 173 13.23 -19.55 17.52
C ASN B 173 12.35 -19.49 16.24
N PHE B 174 12.00 -18.28 15.84
CA PHE B 174 11.26 -18.02 14.62
C PHE B 174 11.97 -18.52 13.40
N TYR B 175 13.25 -18.20 13.25
CA TYR B 175 14.01 -18.73 12.15
C TYR B 175 14.15 -20.19 12.16
N GLU B 176 14.20 -20.76 13.36
CA GLU B 176 14.25 -22.21 13.39
C GLU B 176 12.93 -22.80 12.83
N LYS B 177 11.81 -22.21 13.16
CA LYS B 177 10.50 -22.61 12.62
C LYS B 177 10.43 -22.41 11.11
N ILE B 178 10.94 -21.28 10.64
CA ILE B 178 10.98 -21.06 9.14
C ILE B 178 11.80 -22.13 8.49
N TYR B 179 13.03 -22.34 9.03
CA TYR B 179 13.90 -23.33 8.42
C TYR B 179 13.14 -24.70 8.30
N ASN B 180 12.49 -25.09 9.37
CA ASN B 180 11.85 -26.39 9.35
C ASN B 180 10.62 -26.44 8.46
N ALA B 181 9.92 -25.31 8.29
CA ALA B 181 8.66 -25.23 7.51
C ALA B 181 8.94 -25.25 5.97
N LEU B 182 10.18 -24.89 5.61
CA LEU B 182 10.63 -24.91 4.28
C LEU B 182 10.96 -26.33 3.81
N LYS B 183 10.78 -26.57 2.54
CA LYS B 183 11.30 -27.70 1.83
C LYS B 183 12.86 -27.72 1.90
N PRO B 184 13.50 -28.85 1.62
CA PRO B 184 14.95 -28.91 1.79
C PRO B 184 15.72 -27.89 0.94
N ASN B 185 15.13 -27.44 -0.15
CA ASN B 185 15.75 -26.45 -1.01
C ASN B 185 14.92 -25.16 -1.03
N GLY B 186 14.12 -24.95 -0.01
CA GLY B 186 13.33 -23.68 0.12
C GLY B 186 14.13 -22.42 0.52
N TYR B 187 13.51 -21.28 0.28
CA TYR B 187 14.05 -19.98 0.58
C TYR B 187 13.13 -19.19 1.48
N CYS B 188 13.72 -18.33 2.32
CA CYS B 188 12.95 -17.38 3.03
C CYS B 188 13.57 -16.01 2.74
N VAL B 189 12.73 -15.01 2.52
CA VAL B 189 13.22 -13.63 2.51
C VAL B 189 12.37 -12.92 3.56
N ALA B 190 13.00 -12.04 4.33
CA ALA B 190 12.29 -11.35 5.41
C ALA B 190 12.68 -9.89 5.41
N GLN B 191 11.74 -8.97 5.56
CA GLN B 191 12.07 -7.59 5.62
C GLN B 191 13.01 -7.40 6.81
N CYS B 192 14.06 -6.59 6.63
CA CYS B 192 15.06 -6.57 7.59
C CYS B 192 15.82 -5.18 7.59
N GLU B 193 15.37 -4.31 8.49
CA GLU B 193 16.04 -3.07 8.93
C GLU B 193 16.65 -2.22 7.82
N SER B 194 16.99 -0.97 8.15
CA SER B 194 17.66 -0.17 7.18
C SER B 194 19.16 -0.23 7.52
N LEU B 195 20.01 -0.37 6.52
CA LEU B 195 21.45 -0.35 6.73
C LEU B 195 21.93 1.00 7.35
N TRP B 196 21.09 2.05 7.31
CA TRP B 196 21.45 3.39 7.82
C TRP B 196 21.07 3.61 9.27
N ILE B 197 20.27 2.70 9.82
CA ILE B 197 19.82 2.78 11.20
C ILE B 197 20.31 1.73 12.21
N HIS B 198 20.11 0.45 11.93
CA HIS B 198 20.41 -0.58 12.94
C HIS B 198 21.29 -1.69 12.45
N VAL B 199 22.58 -1.38 12.16
CA VAL B 199 23.46 -2.40 11.62
C VAL B 199 23.65 -3.52 12.67
N GLY B 200 23.73 -3.19 13.99
CA GLY B 200 23.82 -4.25 15.01
C GLY B 200 22.71 -5.33 14.90
N THR B 201 21.46 -4.89 14.68
CA THR B 201 20.34 -5.82 14.39
C THR B 201 20.50 -6.63 13.12
N ILE B 202 20.98 -6.02 12.03
CA ILE B 202 21.23 -6.76 10.82
C ILE B 202 22.22 -7.89 11.14
N LYS B 203 23.29 -7.54 11.86
CA LYS B 203 24.37 -8.49 12.17
C LYS B 203 23.79 -9.58 13.08
N ASN B 204 22.88 -9.23 13.99
CA ASN B 204 22.19 -10.22 14.80
C ASN B 204 21.31 -11.17 14.01
N MET B 205 20.51 -10.64 13.11
CA MET B 205 19.62 -11.47 12.30
C MET B 205 20.43 -12.35 11.40
N ILE B 206 21.48 -11.80 10.83
CA ILE B 206 22.32 -12.63 9.98
C ILE B 206 22.95 -13.80 10.79
N GLY B 207 23.59 -13.49 11.93
CA GLY B 207 23.99 -14.52 12.90
C GLY B 207 22.94 -15.57 13.25
N TYR B 208 21.71 -15.21 13.63
CA TYR B 208 20.68 -16.25 13.85
C TYR B 208 20.45 -17.09 12.61
N ALA B 209 20.28 -16.42 11.45
CA ALA B 209 19.97 -17.20 10.25
C ALA B 209 21.12 -18.11 9.88
N LYS B 210 22.33 -17.65 10.17
CA LYS B 210 23.51 -18.34 9.79
C LYS B 210 23.74 -19.64 10.60
N LYS B 211 23.13 -19.79 11.76
CA LYS B 211 23.22 -21.08 12.50
C LYS B 211 22.43 -22.20 11.78
N LEU B 212 21.50 -21.80 10.88
CA LEU B 212 20.58 -22.76 10.26
C LEU B 212 20.75 -22.84 8.81
N PHE B 213 20.83 -21.67 8.15
CA PHE B 213 20.89 -21.67 6.69
C PHE B 213 22.29 -21.74 6.09
N LYS B 214 22.46 -22.43 4.97
CA LYS B 214 23.73 -22.52 4.27
C LYS B 214 24.26 -21.22 3.68
N LYS B 215 23.36 -20.40 3.16
CA LYS B 215 23.73 -19.12 2.57
C LYS B 215 22.78 -18.04 3.08
N VAL B 216 23.31 -16.98 3.70
CA VAL B 216 22.51 -15.85 4.20
C VAL B 216 23.07 -14.57 3.60
N GLU B 217 22.20 -13.70 3.02
CA GLU B 217 22.65 -12.59 2.15
C GLU B 217 21.74 -11.43 2.48
N TYR B 218 22.09 -10.23 2.05
CA TYR B 218 21.34 -9.11 2.48
C TYR B 218 21.26 -8.20 1.28
N ALA B 219 20.05 -7.76 0.92
CA ALA B 219 19.84 -6.85 -0.22
C ALA B 219 19.20 -5.59 0.34
N ASN B 220 19.27 -4.55 -0.48
CA ASN B 220 18.67 -3.22 -0.12
C ASN B 220 17.62 -2.73 -1.16
N ILE B 221 16.51 -2.06 -0.72
CA ILE B 221 15.42 -1.62 -1.66
C ILE B 221 15.26 -0.15 -1.39
N SER B 222 15.23 0.67 -2.46
CA SER B 222 14.99 2.08 -2.34
C SER B 222 13.50 2.30 -2.18
N ILE B 223 13.09 2.85 -1.05
CA ILE B 223 11.63 3.13 -0.95
C ILE B 223 11.43 4.31 0.00
N PRO B 224 10.90 5.43 -0.53
CA PRO B 224 11.07 6.73 0.19
C PRO B 224 10.29 6.81 1.46
N THR B 225 9.23 6.00 1.60
CA THR B 225 8.38 6.18 2.77
C THR B 225 8.64 5.22 3.95
N TYR B 226 9.73 4.44 3.91
CA TYR B 226 10.20 3.70 5.08
C TYR B 226 11.39 4.50 5.62
N PRO B 227 11.70 4.41 6.94
CA PRO B 227 12.65 5.35 7.55
C PRO B 227 14.03 5.24 6.88
N CYS B 228 14.68 6.35 6.59
CA CYS B 228 15.97 6.37 5.92
C CYS B 228 15.83 5.96 4.43
N GLY B 229 14.62 5.90 3.94
CA GLY B 229 14.38 5.69 2.46
C GLY B 229 14.75 4.33 1.90
N CYS B 230 14.99 3.35 2.75
CA CYS B 230 15.38 2.01 2.22
C CYS B 230 15.08 0.96 3.26
N ILE B 231 15.01 -0.30 2.85
CA ILE B 231 14.78 -1.36 3.77
C ILE B 231 15.51 -2.54 3.23
N GLY B 232 16.01 -3.39 4.10
CA GLY B 232 16.76 -4.52 3.65
C GLY B 232 15.89 -5.76 3.48
N ILE B 233 16.43 -6.73 2.79
CA ILE B 233 15.79 -8.05 2.70
C ILE B 233 16.84 -9.02 3.18
N LEU B 234 16.51 -9.77 4.24
CA LEU B 234 17.35 -10.89 4.75
C LEU B 234 16.98 -12.11 3.94
N CYS B 235 17.98 -12.69 3.26
CA CYS B 235 17.73 -13.65 2.21
C CYS B 235 18.40 -14.97 2.67
N CYS B 236 17.60 -16.03 2.82
CA CYS B 236 18.04 -17.15 3.59
C CYS B 236 17.85 -18.31 2.66
N SER B 237 18.92 -19.07 2.41
CA SER B 237 18.86 -20.11 1.37
C SER B 237 19.40 -21.41 2.02
N LYS B 238 18.74 -22.52 1.73
CA LYS B 238 19.23 -23.83 2.23
C LYS B 238 20.25 -24.44 1.29
N THR B 239 20.32 -23.89 0.09
CA THR B 239 21.24 -24.32 -0.95
C THR B 239 22.52 -23.44 -0.82
N ASP B 240 23.59 -23.82 -1.52
CA ASP B 240 24.82 -23.01 -1.52
C ASP B 240 24.78 -21.82 -2.48
N THR B 241 23.93 -21.93 -3.48
CA THR B 241 23.83 -20.95 -4.55
C THR B 241 23.21 -19.55 -4.12
N GLY B 242 22.38 -19.54 -3.08
CA GLY B 242 21.78 -18.29 -2.62
C GLY B 242 20.84 -17.56 -3.56
N LEU B 243 20.57 -16.32 -3.23
CA LEU B 243 19.44 -15.59 -3.92
C LEU B 243 19.87 -14.37 -4.74
N THR B 244 21.19 -14.19 -5.00
CA THR B 244 21.66 -12.96 -5.71
C THR B 244 21.47 -13.03 -7.18
N LYS B 245 21.26 -14.22 -7.76
CA LYS B 245 21.22 -14.29 -9.22
C LYS B 245 19.92 -14.95 -9.72
N PRO B 246 19.08 -14.25 -10.46
CA PRO B 246 17.86 -15.00 -10.92
C PRO B 246 18.18 -16.09 -11.93
N ASN B 247 17.33 -17.13 -11.93
CA ASN B 247 17.28 -18.24 -12.86
C ASN B 247 16.38 -18.00 -14.05
N LYS B 248 15.51 -16.99 -13.99
CA LYS B 248 14.59 -16.75 -15.06
C LYS B 248 14.27 -15.29 -15.14
N LYS B 249 13.84 -14.92 -16.33
CA LYS B 249 13.41 -13.58 -16.71
C LYS B 249 11.88 -13.57 -16.71
N LEU B 250 11.29 -12.48 -16.20
CA LEU B 250 9.86 -12.34 -16.11
C LEU B 250 9.38 -11.70 -17.41
N GLU B 251 9.15 -12.57 -18.41
CA GLU B 251 8.79 -12.14 -19.76
C GLU B 251 7.32 -12.27 -20.15
N SER B 252 6.58 -13.07 -19.39
CA SER B 252 5.19 -13.27 -19.77
C SER B 252 4.31 -12.04 -19.48
N LYS B 253 3.10 -11.99 -20.03
CA LYS B 253 2.24 -10.79 -19.89
C LYS B 253 1.83 -10.32 -18.46
N GLU B 254 1.70 -11.26 -17.51
CA GLU B 254 1.44 -10.91 -16.10
C GLU B 254 2.49 -9.94 -15.53
N PHE B 255 3.72 -9.97 -16.06
CA PHE B 255 4.89 -9.19 -15.55
C PHE B 255 5.25 -7.94 -16.35
N ALA B 256 4.38 -7.59 -17.34
CA ALA B 256 4.73 -6.63 -18.39
C ALA B 256 4.80 -5.24 -17.75
N ASP B 257 3.93 -5.00 -16.80
CA ASP B 257 3.94 -3.70 -16.22
C ASP B 257 4.60 -3.64 -14.79
N LEU B 258 5.60 -4.48 -14.50
CA LEU B 258 6.35 -4.30 -13.24
C LEU B 258 6.94 -2.88 -13.28
N LYS B 259 6.94 -2.24 -12.12
CA LYS B 259 7.46 -0.86 -12.04
C LYS B 259 8.79 -0.68 -11.36
N TYR B 260 9.35 -1.71 -10.75
CA TYR B 260 10.68 -1.60 -10.15
C TYR B 260 11.64 -2.73 -10.51
N TYR B 261 11.29 -3.93 -10.11
CA TYR B 261 12.11 -5.09 -10.35
C TYR B 261 12.45 -5.30 -11.82
N ASN B 262 13.67 -5.75 -12.08
CA ASN B 262 13.94 -6.36 -13.40
C ASN B 262 15.17 -7.20 -13.17
N TYR B 263 15.58 -7.91 -14.23
CA TYR B 263 16.67 -8.89 -14.16
C TYR B 263 18.00 -8.30 -13.58
N GLU B 264 18.36 -7.07 -14.01
CA GLU B 264 19.61 -6.42 -13.58
C GLU B 264 19.56 -5.90 -12.13
N ASN B 265 18.43 -5.27 -11.73
CA ASN B 265 18.23 -4.63 -10.44
C ASN B 265 18.28 -5.66 -9.38
N HIS B 266 17.87 -6.87 -9.74
CA HIS B 266 17.84 -8.00 -8.79
C HIS B 266 19.23 -8.26 -8.15
N SER B 267 20.27 -8.50 -8.97
CA SER B 267 21.65 -8.66 -8.46
C SER B 267 22.24 -7.39 -7.87
N ALA B 268 21.89 -6.25 -8.46
CA ALA B 268 22.44 -4.97 -7.95
C ALA B 268 22.02 -4.65 -6.54
N ALA B 269 20.81 -5.09 -6.16
CA ALA B 269 20.30 -4.83 -4.84
C ALA B 269 21.21 -5.44 -3.74
N PHE B 270 22.05 -6.41 -4.08
CA PHE B 270 22.91 -7.01 -3.08
C PHE B 270 24.32 -6.38 -3.01
N LYS B 271 24.57 -5.35 -3.81
CA LYS B 271 25.84 -4.64 -3.79
C LYS B 271 25.71 -3.53 -2.77
N LEU B 272 26.25 -3.74 -1.57
CA LEU B 272 25.94 -2.83 -0.46
C LEU B 272 27.10 -1.89 -0.21
N PRO B 273 26.80 -0.75 0.43
CA PRO B 273 27.91 0.13 0.77
C PRO B 273 29.08 -0.59 1.48
N ALA B 274 30.32 -0.12 1.22
CA ALA B 274 31.50 -0.77 1.75
C ALA B 274 31.48 -0.84 3.29
N PHE B 275 30.97 0.14 4.00
CA PHE B 275 30.95 0.04 5.44
C PHE B 275 30.12 -1.12 5.93
N LEU B 276 29.05 -1.41 5.20
CA LEU B 276 28.12 -2.46 5.64
C LEU B 276 28.76 -3.83 5.39
N LEU B 277 29.32 -3.99 4.21
CA LEU B 277 30.08 -5.14 3.82
C LEU B 277 31.13 -5.51 4.87
N LYS B 278 31.87 -4.53 5.33
CA LYS B 278 32.83 -4.74 6.37
C LYS B 278 32.19 -5.12 7.75
N GLU B 279 31.08 -4.50 8.16
CA GLU B 279 30.42 -4.92 9.40
C GLU B 279 29.85 -6.34 9.35
N ILE B 280 29.38 -6.81 8.21
CA ILE B 280 28.79 -8.14 8.15
C ILE B 280 29.74 -9.32 7.80
N GLU B 281 30.57 -9.22 6.91
CA GLU B 281 31.89 -9.80 6.82
C GLU B 281 31.93 -11.29 6.65
N LYS C 3 13.77 19.81 23.40
CA LYS C 3 14.56 19.85 22.11
C LYS C 3 13.68 20.14 20.92
N LYS C 4 14.18 20.97 20.04
CA LYS C 4 13.46 21.37 18.87
C LYS C 4 13.89 20.46 17.68
N TRP C 5 13.08 20.52 16.61
CA TRP C 5 13.29 19.73 15.40
C TRP C 5 13.53 20.66 14.24
N PHE C 6 14.45 20.27 13.35
CA PHE C 6 14.59 20.93 12.08
C PHE C 6 13.78 20.11 11.05
N SER C 7 12.93 20.78 10.24
CA SER C 7 12.12 20.08 9.22
C SER C 7 12.45 20.62 7.85
N GLU C 8 12.68 19.72 6.88
CA GLU C 8 13.05 20.16 5.52
C GLU C 8 11.84 20.22 4.50
N PHE C 9 11.26 21.41 4.32
CA PHE C 9 10.07 21.62 3.46
C PHE C 9 10.60 22.28 2.28
N SER C 10 10.04 21.96 1.11
CA SER C 10 10.35 22.66 -0.10
C SER C 10 9.26 22.47 -1.16
N ILE C 11 8.97 23.54 -1.93
CA ILE C 11 8.10 23.40 -3.14
C ILE C 11 8.65 22.37 -4.12
N MET C 12 9.90 22.04 -3.98
CA MET C 12 10.52 21.03 -4.80
C MET C 12 10.15 19.60 -4.37
N TRP C 13 9.59 19.46 -3.18
CA TRP C 13 9.07 18.13 -2.75
C TRP C 13 7.78 18.37 -1.94
N PRO C 14 6.73 18.82 -2.62
CA PRO C 14 5.50 19.15 -1.89
C PRO C 14 4.87 17.91 -1.24
N GLY C 15 4.25 18.11 -0.08
CA GLY C 15 3.57 17.05 0.71
C GLY C 15 4.42 16.08 1.46
N GLN C 16 5.75 16.33 1.58
CA GLN C 16 6.58 15.51 2.39
C GLN C 16 7.61 16.32 3.11
N ALA C 17 8.14 15.73 4.17
CA ALA C 17 9.22 16.40 4.88
C ALA C 17 9.96 15.46 5.75
N PHE C 18 11.29 15.58 5.76
CA PHE C 18 12.12 14.84 6.68
C PHE C 18 12.57 15.82 7.77
N SER C 19 12.64 15.35 9.03
CA SER C 19 13.01 16.21 10.18
C SER C 19 14.14 15.54 10.93
N LEU C 20 14.98 16.34 11.59
CA LEU C 20 16.02 15.82 12.45
C LEU C 20 15.98 16.58 13.81
N LYS C 21 16.13 15.85 14.90
CA LYS C 21 16.18 16.44 16.23
C LYS C 21 17.48 17.25 16.44
N ILE C 22 17.32 18.48 16.94
CA ILE C 22 18.45 19.41 17.02
C ILE C 22 19.07 19.27 18.45
N LYS C 23 20.35 18.94 18.51
CA LYS C 23 21.08 19.00 19.77
C LYS C 23 21.43 20.45 20.10
N LYS C 24 22.10 21.15 19.18
CA LYS C 24 22.28 22.58 19.31
C LYS C 24 22.51 23.24 17.97
N ILE C 25 21.98 24.46 17.82
CA ILE C 25 22.29 25.36 16.71
C ILE C 25 23.70 25.84 16.90
N LEU C 26 24.50 25.71 15.85
CA LEU C 26 25.87 26.18 15.88
C LEU C 26 26.10 27.54 15.21
N TYR C 27 25.33 27.85 14.16
CA TYR C 27 25.62 29.02 13.29
C TYR C 27 24.46 29.28 12.36
N GLU C 28 24.15 30.56 12.15
CA GLU C 28 23.09 31.02 11.26
C GLU C 28 23.50 32.35 10.72
N THR C 29 23.55 32.51 9.40
CA THR C 29 23.81 33.82 8.79
C THR C 29 23.12 33.90 7.43
N LYS C 30 22.90 35.10 6.92
CA LYS C 30 22.40 35.25 5.53
C LYS C 30 23.61 35.70 4.74
N SER C 31 24.11 34.93 3.75
CA SER C 31 25.31 35.36 3.02
C SER C 31 24.81 36.29 1.87
N LYS C 32 25.69 36.70 0.96
CA LYS C 32 25.20 37.45 -0.23
C LYS C 32 24.16 36.64 -1.06
N TYR C 33 24.17 35.30 -0.93
CA TYR C 33 23.34 34.39 -1.84
C TYR C 33 22.28 33.53 -1.19
N GLN C 34 22.46 33.22 0.10
CA GLN C 34 21.68 32.15 0.71
C GLN C 34 21.55 32.30 2.20
N ASN C 35 20.48 31.71 2.75
CA ASN C 35 20.44 31.49 4.19
C ASN C 35 21.29 30.26 4.59
N VAL C 36 22.25 30.45 5.51
CA VAL C 36 23.14 29.39 5.96
C VAL C 36 22.80 29.02 7.40
N LEU C 37 22.67 27.69 7.67
CA LEU C 37 22.39 27.17 8.99
C LEU C 37 23.28 26.00 9.25
N VAL C 38 23.95 25.99 10.39
CA VAL C 38 24.68 24.78 10.79
C VAL C 38 24.10 24.40 12.14
N PHE C 39 23.79 23.11 12.31
CA PHE C 39 23.40 22.60 13.61
C PHE C 39 23.92 21.23 13.90
N GLU C 40 24.05 20.92 15.18
CA GLU C 40 24.39 19.60 15.60
C GLU C 40 23.03 18.85 15.83
N SER C 41 22.83 17.77 15.08
CA SER C 41 21.61 16.94 15.28
C SER C 41 21.96 15.90 16.33
N THR C 42 20.95 15.21 16.87
CA THR C 42 21.23 14.22 17.91
C THR C 42 21.76 12.96 17.35
N THR C 43 21.50 12.65 16.07
CA THR C 43 21.93 11.34 15.63
C THR C 43 22.70 11.32 14.29
N TYR C 44 22.78 12.45 13.57
CA TYR C 44 23.55 12.44 12.31
C TYR C 44 24.83 13.34 12.41
N GLY C 45 25.14 13.83 13.64
CA GLY C 45 26.19 14.82 13.78
C GLY C 45 25.81 16.21 13.30
N LYS C 46 26.83 17.01 12.99
CA LYS C 46 26.59 18.30 12.40
C LYS C 46 25.99 18.21 10.99
N VAL C 47 25.19 19.22 10.70
CA VAL C 47 24.34 19.32 9.49
C VAL C 47 24.49 20.71 8.93
N LEU C 48 24.78 20.80 7.62
CA LEU C 48 24.82 22.05 6.92
C LEU C 48 23.53 22.26 6.10
N VAL C 49 22.89 23.43 6.24
CA VAL C 49 21.66 23.69 5.56
C VAL C 49 21.75 25.01 4.73
N LEU C 50 21.27 24.98 3.47
CA LEU C 50 21.24 26.18 2.65
C LEU C 50 19.83 26.42 2.14
N ASP C 51 19.34 27.64 2.34
CA ASP C 51 17.93 28.01 2.02
C ASP C 51 16.93 26.95 2.54
N GLY C 52 17.11 26.39 3.75
CA GLY C 52 16.07 25.46 4.28
C GLY C 52 16.26 24.02 3.78
N VAL C 53 17.31 23.84 2.96
CA VAL C 53 17.56 22.50 2.41
C VAL C 53 18.85 21.82 2.96
N ILE C 54 18.75 20.59 3.50
CA ILE C 54 19.96 19.84 3.91
C ILE C 54 20.98 19.67 2.80
N GLN C 55 22.24 20.11 3.05
CA GLN C 55 23.33 19.91 2.06
C GLN C 55 24.11 18.70 2.46
N LEU C 56 24.29 18.48 3.77
CA LEU C 56 25.06 17.30 4.19
C LEU C 56 24.92 17.10 5.67
N THR C 57 25.29 15.90 6.15
CA THR C 57 25.35 15.66 7.59
C THR C 57 26.63 14.87 7.71
N GLU C 58 27.24 14.94 8.92
CA GLU C 58 28.49 14.19 9.07
C GLU C 58 28.31 12.72 8.94
N LYS C 59 27.16 12.21 9.34
CA LYS C 59 27.05 10.73 9.40
C LYS C 59 27.01 10.07 7.95
N ASP C 60 26.40 10.70 6.96
CA ASP C 60 26.16 9.97 5.71
C ASP C 60 26.81 10.67 4.51
N GLU C 61 27.45 11.83 4.74
CA GLU C 61 27.97 12.61 3.60
C GLU C 61 28.92 11.81 2.72
N PHE C 62 29.62 10.83 3.29
CA PHE C 62 30.52 10.08 2.48
C PHE C 62 29.82 9.37 1.32
N ALA C 63 28.56 8.99 1.51
CA ALA C 63 27.91 8.23 0.37
C ALA C 63 27.85 9.11 -0.89
N TYR C 64 27.41 10.34 -0.71
CA TYR C 64 27.31 11.19 -1.86
C TYR C 64 28.73 11.64 -2.41
N HIS C 65 29.63 12.11 -1.53
CA HIS C 65 30.94 12.59 -2.01
C HIS C 65 31.77 11.51 -2.69
N GLU C 66 31.66 10.29 -2.17
CA GLU C 66 32.47 9.21 -2.67
C GLU C 66 31.88 8.75 -4.01
N MET C 67 30.53 8.61 -4.13
CA MET C 67 29.97 8.19 -5.45
C MET C 67 30.14 9.25 -6.55
N MET C 68 29.88 10.50 -6.21
CA MET C 68 30.05 11.56 -7.18
C MET C 68 31.50 11.70 -7.69
N THR C 69 32.48 11.44 -6.82
CA THR C 69 33.89 11.63 -7.15
C THR C 69 34.38 10.39 -7.83
N HIS C 70 34.18 9.25 -7.21
CA HIS C 70 34.97 8.11 -7.62
C HIS C 70 34.35 7.38 -8.87
N VAL C 71 33.09 7.67 -9.19
CA VAL C 71 32.53 7.18 -10.46
C VAL C 71 33.35 7.82 -11.63
N PRO C 72 33.40 9.16 -11.77
CA PRO C 72 34.17 9.57 -12.95
C PRO C 72 35.71 9.38 -12.80
N MET C 73 36.26 9.54 -11.59
CA MET C 73 37.74 9.41 -11.38
C MET C 73 38.30 8.01 -11.57
N THR C 74 37.45 6.99 -11.44
CA THR C 74 37.93 5.66 -11.78
C THR C 74 37.75 5.33 -13.27
N VAL C 75 36.98 6.12 -14.00
CA VAL C 75 36.77 5.78 -15.40
C VAL C 75 37.83 6.53 -16.28
N SER C 76 37.96 7.85 -16.07
CA SER C 76 39.00 8.64 -16.69
C SER C 76 40.39 8.02 -16.38
N LYS C 77 41.21 7.81 -17.40
CA LYS C 77 42.48 7.03 -17.22
C LYS C 77 43.55 7.80 -16.43
N GLU C 78 43.84 9.03 -16.85
CA GLU C 78 44.89 9.82 -16.21
C GLU C 78 44.37 11.20 -16.01
N PRO C 79 43.37 11.39 -15.14
CA PRO C 79 42.80 12.72 -14.96
C PRO C 79 43.79 13.67 -14.29
N LYS C 80 44.14 14.79 -14.93
CA LYS C 80 45.16 15.66 -14.29
C LYS C 80 44.59 16.94 -13.72
N ASN C 81 43.56 17.48 -14.38
CA ASN C 81 43.02 18.76 -14.00
C ASN C 81 41.52 18.54 -13.84
N VAL C 82 41.00 18.87 -12.65
CA VAL C 82 39.58 18.49 -12.42
C VAL C 82 38.96 19.73 -11.95
N LEU C 83 37.72 19.99 -12.39
CA LEU C 83 36.94 21.17 -11.86
C LEU C 83 35.77 20.62 -10.98
N VAL C 84 35.58 21.24 -9.80
CA VAL C 84 34.35 21.08 -9.02
C VAL C 84 33.51 22.37 -9.19
N VAL C 85 32.24 22.23 -9.53
CA VAL C 85 31.33 23.35 -9.62
C VAL C 85 30.51 23.29 -8.35
N GLY C 86 30.34 24.42 -7.64
CA GLY C 86 29.69 24.28 -6.34
C GLY C 86 30.64 23.61 -5.32
N GLY C 87 30.10 22.74 -4.44
CA GLY C 87 31.03 21.89 -3.67
C GLY C 87 31.78 22.64 -2.55
N GLY C 88 31.25 23.76 -2.14
CA GLY C 88 31.99 24.65 -1.18
C GLY C 88 32.35 23.97 0.13
N ASP C 89 31.60 22.92 0.52
CA ASP C 89 31.92 22.28 1.80
C ASP C 89 33.24 21.54 1.70
N GLY C 90 33.67 21.13 0.48
CA GLY C 90 35.00 20.51 0.25
C GLY C 90 34.95 19.02 0.08
N GLY C 91 33.76 18.42 0.28
CA GLY C 91 33.69 16.97 0.28
C GLY C 91 34.28 16.36 -0.98
N ILE C 92 33.91 16.94 -2.12
CA ILE C 92 34.44 16.36 -3.45
C ILE C 92 35.97 16.56 -3.51
N ILE C 93 36.39 17.74 -3.07
CA ILE C 93 37.85 18.01 -3.07
C ILE C 93 38.61 17.01 -2.18
N ARG C 94 38.02 16.68 -1.02
CA ARG C 94 38.69 15.76 -0.12
C ARG C 94 38.91 14.44 -0.87
N GLU C 95 37.87 14.01 -1.55
CA GLU C 95 37.88 12.72 -2.27
C GLU C 95 38.85 12.80 -3.45
N LEU C 96 38.83 13.91 -4.15
CA LEU C 96 39.80 14.12 -5.22
C LEU C 96 41.27 14.12 -4.71
N CYS C 97 41.50 14.68 -3.52
CA CYS C 97 42.85 14.81 -2.98
C CYS C 97 43.51 13.45 -2.69
N LYS C 98 42.71 12.40 -2.76
CA LYS C 98 43.22 11.04 -2.50
C LYS C 98 43.96 10.50 -3.73
N TYR C 99 43.68 11.10 -4.93
CA TYR C 99 44.36 10.65 -6.17
C TYR C 99 45.67 11.46 -6.24
N LYS C 100 46.78 10.83 -5.85
CA LYS C 100 48.09 11.58 -5.73
C LYS C 100 48.53 12.09 -7.12
N SER C 101 48.04 11.40 -8.16
CA SER C 101 48.37 11.71 -9.53
C SER C 101 47.66 12.92 -10.14
N VAL C 102 46.61 13.42 -9.47
CA VAL C 102 45.93 14.58 -9.95
C VAL C 102 46.94 15.74 -9.81
N GLU C 103 47.04 16.59 -10.84
CA GLU C 103 47.95 17.74 -10.77
C GLU C 103 47.30 19.01 -10.34
N ASN C 104 46.02 19.20 -10.67
CA ASN C 104 45.38 20.46 -10.27
C ASN C 104 43.86 20.26 -10.01
N ILE C 105 43.34 20.97 -9.02
CA ILE C 105 41.93 20.88 -8.69
C ILE C 105 41.48 22.27 -8.63
N ASP C 106 40.63 22.67 -9.53
CA ASP C 106 39.96 23.96 -9.45
C ASP C 106 38.60 23.79 -8.81
N ILE C 107 38.16 24.77 -8.02
CA ILE C 107 36.79 24.77 -7.57
C ILE C 107 36.18 26.12 -7.75
N CYS C 108 34.97 26.13 -8.35
CA CYS C 108 34.23 27.34 -8.60
C CYS C 108 32.99 27.33 -7.79
N GLU C 109 33.01 28.11 -6.69
CA GLU C 109 31.89 28.08 -5.73
C GLU C 109 31.35 29.54 -5.65
N ILE C 110 30.05 29.75 -5.87
CA ILE C 110 29.51 31.11 -5.91
C ILE C 110 29.61 31.81 -4.54
N ASP C 111 29.49 31.01 -3.47
CA ASP C 111 29.24 31.57 -2.12
C ASP C 111 30.40 31.31 -1.17
N GLU C 112 31.23 32.33 -1.02
CA GLU C 112 32.42 32.20 -0.19
C GLU C 112 32.13 31.80 1.28
N THR C 113 31.05 32.29 1.87
CA THR C 113 30.61 31.92 3.22
C THR C 113 30.52 30.41 3.41
N VAL C 114 30.13 29.69 2.35
CA VAL C 114 29.93 28.30 2.54
C VAL C 114 31.28 27.67 2.79
N ILE C 115 32.32 28.11 2.06
CA ILE C 115 33.69 27.56 2.30
C ILE C 115 34.21 27.94 3.73
N GLU C 116 33.94 29.17 4.14
CA GLU C 116 34.40 29.63 5.51
C GLU C 116 33.72 28.79 6.61
N VAL C 117 32.39 28.61 6.49
CA VAL C 117 31.60 27.81 7.47
C VAL C 117 32.08 26.33 7.48
N SER C 118 32.51 25.80 6.34
CA SER C 118 32.86 24.42 6.32
C SER C 118 34.26 24.21 6.92
N LYS C 119 35.12 25.26 6.81
CA LYS C 119 36.42 25.20 7.50
C LYS C 119 36.29 25.25 9.05
N ILE C 120 35.29 25.93 9.54
CA ILE C 120 35.05 26.15 10.96
C ILE C 120 34.35 24.87 11.56
N TYR C 121 33.33 24.33 10.87
CA TYR C 121 32.48 23.30 11.51
C TYR C 121 32.57 21.93 10.91
N PHE C 122 33.22 21.80 9.78
CA PHE C 122 33.27 20.46 9.14
C PHE C 122 34.68 20.17 8.67
N LYS C 123 35.63 20.25 9.61
CA LYS C 123 37.07 19.96 9.29
C LYS C 123 37.38 18.62 8.67
N ASN C 124 36.58 17.61 8.99
CA ASN C 124 36.74 16.34 8.33
C ASN C 124 36.25 16.36 6.87
N ILE C 125 35.57 17.41 6.46
CA ILE C 125 35.02 17.48 5.09
C ILE C 125 35.85 18.49 4.30
N SER C 126 36.18 19.63 4.97
CA SER C 126 36.90 20.72 4.31
C SER C 126 38.44 20.58 4.41
N CYS C 127 38.98 19.41 4.75
CA CYS C 127 40.41 19.31 5.03
C CYS C 127 41.26 19.47 3.69
N GLY C 128 40.66 19.21 2.55
CA GLY C 128 41.38 19.25 1.27
C GLY C 128 41.74 20.67 0.83
N TYR C 129 41.16 21.72 1.45
CA TYR C 129 41.48 23.05 0.97
C TYR C 129 42.96 23.41 1.25
N GLU C 130 43.60 22.61 2.09
CA GLU C 130 45.00 22.82 2.42
C GLU C 130 45.94 22.19 1.39
N ASP C 131 45.40 21.33 0.54
CA ASP C 131 46.20 20.68 -0.45
C ASP C 131 46.71 21.75 -1.45
N LYS C 132 48.03 21.71 -1.76
CA LYS C 132 48.65 22.79 -2.60
C LYS C 132 48.11 22.76 -4.05
N ARG C 133 47.54 21.61 -4.49
CA ARG C 133 46.96 21.45 -5.83
C ARG C 133 45.61 22.15 -6.01
N VAL C 134 45.04 22.71 -4.93
CA VAL C 134 43.66 23.25 -4.88
C VAL C 134 43.58 24.75 -5.14
N ASN C 135 42.80 25.18 -6.14
CA ASN C 135 42.64 26.60 -6.47
C ASN C 135 41.24 26.99 -6.44
N VAL C 136 40.93 28.02 -5.68
CA VAL C 136 39.56 28.35 -5.39
C VAL C 136 39.14 29.63 -6.17
N PHE C 137 37.97 29.58 -6.83
CA PHE C 137 37.42 30.72 -7.55
C PHE C 137 36.06 31.03 -7.01
N ILE C 138 35.83 32.29 -6.64
CA ILE C 138 34.52 32.64 -6.14
C ILE C 138 33.67 33.36 -7.22
N GLU C 139 32.72 32.66 -7.83
CA GLU C 139 32.08 33.09 -9.06
C GLU C 139 30.92 32.17 -9.38
N ASP C 140 29.87 32.68 -10.01
CA ASP C 140 28.82 31.81 -10.60
C ASP C 140 29.55 30.94 -11.62
N ALA C 141 29.51 29.61 -11.48
CA ALA C 141 30.22 28.74 -12.45
C ALA C 141 29.71 28.93 -13.94
N SER C 142 28.49 29.39 -14.10
CA SER C 142 27.91 29.68 -15.42
C SER C 142 28.76 30.79 -16.13
N LYS C 143 29.29 31.71 -15.34
CA LYS C 143 30.15 32.77 -15.86
C LYS C 143 31.59 32.33 -15.88
N PHE C 144 32.04 31.55 -14.87
CA PHE C 144 33.42 31.06 -14.85
C PHE C 144 33.69 30.32 -16.12
N LEU C 145 32.75 29.46 -16.54
CA LEU C 145 33.03 28.59 -17.72
C LEU C 145 32.85 29.24 -19.08
N GLU C 146 32.42 30.49 -19.13
CA GLU C 146 32.24 31.23 -20.38
C GLU C 146 33.42 31.21 -21.34
N ASN C 147 34.62 31.34 -20.89
CA ASN C 147 35.65 31.19 -21.87
C ASN C 147 36.64 30.15 -21.49
N VAL C 148 36.17 28.99 -21.10
CA VAL C 148 37.09 27.92 -20.73
C VAL C 148 36.86 26.85 -21.77
N THR C 149 37.97 26.42 -22.39
CA THR C 149 37.91 25.51 -23.51
C THR C 149 38.97 24.46 -23.37
N ASN C 150 38.56 23.20 -23.55
CA ASN C 150 39.53 22.14 -23.76
C ASN C 150 40.56 22.03 -22.57
N THR C 151 40.06 22.12 -21.33
CA THR C 151 40.90 22.30 -20.13
C THR C 151 40.79 21.16 -19.08
N TYR C 152 39.56 20.71 -18.80
CA TYR C 152 39.36 19.74 -17.68
C TYR C 152 39.23 18.32 -18.19
N ASP C 153 39.92 17.38 -17.54
CA ASP C 153 39.61 16.00 -17.69
C ASP C 153 38.22 15.61 -17.08
N VAL C 154 37.87 16.17 -15.89
CA VAL C 154 36.59 15.78 -15.25
C VAL C 154 36.03 17.03 -14.74
N ILE C 155 34.71 17.20 -14.90
CA ILE C 155 34.01 18.31 -14.20
C ILE C 155 32.95 17.67 -13.28
N ILE C 156 32.91 18.08 -12.00
CA ILE C 156 31.92 17.43 -11.10
C ILE C 156 31.02 18.56 -10.67
N VAL C 157 29.71 18.47 -10.92
CA VAL C 157 28.81 19.62 -10.65
C VAL C 157 28.10 19.23 -9.36
N ASP C 158 28.66 19.70 -8.27
CA ASP C 158 28.04 19.46 -6.96
C ASP C 158 27.30 20.67 -6.48
N SER C 159 26.15 20.96 -7.10
CA SER C 159 25.32 22.14 -6.79
C SER C 159 24.31 21.85 -5.75
N SER C 160 23.83 22.93 -5.23
CA SER C 160 22.57 22.87 -4.55
C SER C 160 21.42 22.71 -5.57
N ASP C 161 20.19 22.76 -5.08
CA ASP C 161 18.98 22.62 -5.94
C ASP C 161 18.73 23.82 -6.87
N PRO C 162 17.94 23.57 -7.95
CA PRO C 162 17.64 24.61 -8.97
C PRO C 162 16.95 25.82 -8.42
N ILE C 163 16.39 25.77 -7.22
CA ILE C 163 15.85 26.99 -6.62
C ILE C 163 16.92 27.67 -5.76
N GLY C 164 17.35 28.86 -6.16
CA GLY C 164 18.39 29.61 -5.49
C GLY C 164 19.54 29.86 -6.53
N PRO C 165 20.75 30.12 -6.08
CA PRO C 165 21.81 30.49 -7.07
C PRO C 165 22.14 29.37 -8.03
N ALA C 166 21.76 28.13 -7.74
CA ALA C 166 22.07 27.03 -8.75
C ALA C 166 21.13 26.99 -9.95
N GLU C 167 20.15 27.90 -10.01
CA GLU C 167 19.22 27.90 -11.21
C GLU C 167 19.97 28.08 -12.53
N THR C 168 21.13 28.73 -12.50
CA THR C 168 21.86 28.95 -13.75
C THR C 168 22.63 27.69 -14.18
N LEU C 169 22.55 26.61 -13.40
CA LEU C 169 23.37 25.37 -13.67
C LEU C 169 22.48 24.24 -14.23
N PHE C 170 21.18 24.51 -14.31
CA PHE C 170 20.17 23.53 -14.72
C PHE C 170 19.49 23.95 -16.06
N ASN C 171 20.31 24.11 -17.10
CA ASN C 171 19.78 24.51 -18.42
C ASN C 171 20.72 24.10 -19.51
N GLN C 172 20.21 24.17 -20.74
CA GLN C 172 20.99 23.77 -21.87
C GLN C 172 22.27 24.58 -22.04
N ASN C 173 22.22 25.90 -21.84
CA ASN C 173 23.40 26.78 -22.02
C ASN C 173 24.55 26.33 -21.09
N PHE C 174 24.22 25.85 -19.88
CA PHE C 174 25.27 25.54 -18.92
C PHE C 174 25.94 24.32 -19.40
N TYR C 175 25.17 23.42 -20.02
CA TYR C 175 25.77 22.16 -20.47
C TYR C 175 26.63 22.33 -21.76
N GLU C 176 26.31 23.34 -22.57
CA GLU C 176 27.19 23.70 -23.69
C GLU C 176 28.49 24.17 -23.17
N LYS C 177 28.48 24.94 -22.08
CA LYS C 177 29.77 25.40 -21.50
C LYS C 177 30.56 24.27 -20.85
N ILE C 178 29.88 23.39 -20.10
CA ILE C 178 30.64 22.21 -19.58
C ILE C 178 31.27 21.42 -20.71
N TYR C 179 30.46 21.13 -21.71
CA TYR C 179 30.96 20.37 -22.89
C TYR C 179 32.21 21.02 -23.52
N ASN C 180 32.18 22.34 -23.75
CA ASN C 180 33.32 23.07 -24.35
C ASN C 180 34.58 23.00 -23.44
N ALA C 181 34.36 23.14 -22.10
CA ALA C 181 35.43 23.26 -21.14
C ALA C 181 36.14 21.96 -20.87
N LEU C 182 35.51 20.82 -21.24
CA LEU C 182 36.12 19.55 -21.03
C LEU C 182 37.02 19.19 -22.28
N LYS C 183 38.04 18.37 -22.07
CA LYS C 183 38.94 17.93 -23.06
C LYS C 183 38.12 17.01 -23.94
N PRO C 184 38.69 16.62 -25.10
CA PRO C 184 37.86 15.80 -26.04
C PRO C 184 37.38 14.44 -25.52
N ASN C 185 38.13 13.81 -24.60
CA ASN C 185 37.64 12.61 -23.89
C ASN C 185 37.22 12.90 -22.40
N GLY C 186 36.80 14.11 -22.09
CA GLY C 186 36.56 14.42 -20.69
C GLY C 186 35.14 13.92 -20.28
N TYR C 187 34.86 13.97 -18.96
CA TYR C 187 33.56 13.46 -18.42
C TYR C 187 33.00 14.52 -17.49
N CYS C 188 31.64 14.59 -17.40
CA CYS C 188 31.05 15.47 -16.40
C CYS C 188 30.05 14.59 -15.68
N VAL C 189 30.01 14.73 -14.34
CA VAL C 189 28.88 14.15 -13.60
C VAL C 189 28.26 15.29 -12.84
N ALA C 190 26.99 15.22 -12.58
CA ALA C 190 26.27 16.28 -11.94
C ALA C 190 25.16 15.74 -11.02
N GLN C 191 24.96 16.36 -9.87
CA GLN C 191 23.87 15.91 -9.02
C GLN C 191 22.54 16.09 -9.79
N CYS C 192 21.70 15.09 -9.81
CA CYS C 192 20.51 15.15 -10.61
C CYS C 192 19.30 14.55 -9.95
N GLU C 193 19.19 14.85 -8.68
CA GLU C 193 17.92 14.82 -7.98
C GLU C 193 17.37 13.45 -7.69
N SER C 194 16.12 13.38 -7.22
CA SER C 194 15.70 12.06 -6.76
C SER C 194 14.73 11.42 -7.79
N LEU C 195 15.00 10.17 -8.18
CA LEU C 195 14.08 9.51 -9.11
C LEU C 195 12.63 9.24 -8.54
N TRP C 196 12.38 9.43 -7.22
CA TRP C 196 11.05 9.20 -6.73
C TRP C 196 10.15 10.41 -6.95
N ILE C 197 10.67 11.57 -7.18
CA ILE C 197 9.84 12.74 -7.28
C ILE C 197 10.25 13.76 -8.34
N HIS C 198 11.42 13.60 -8.90
CA HIS C 198 11.86 14.59 -9.81
C HIS C 198 12.04 14.10 -11.24
N VAL C 199 11.16 13.22 -11.71
CA VAL C 199 11.39 12.69 -13.03
C VAL C 199 11.39 13.79 -14.10
N GLY C 200 10.52 14.79 -13.95
CA GLY C 200 10.49 15.98 -14.85
C GLY C 200 11.86 16.65 -15.01
N THR C 201 12.54 16.99 -13.88
CA THR C 201 13.94 17.49 -13.93
C THR C 201 14.90 16.48 -14.59
N ILE C 202 14.83 15.25 -14.12
CA ILE C 202 15.70 14.25 -14.61
C ILE C 202 15.60 14.16 -16.17
N LYS C 203 14.38 14.13 -16.69
CA LYS C 203 14.20 14.07 -18.20
C LYS C 203 14.70 15.33 -18.86
N ASN C 204 14.44 16.48 -18.27
CA ASN C 204 14.97 17.67 -18.91
C ASN C 204 16.52 17.62 -18.95
N MET C 205 17.16 17.14 -17.87
CA MET C 205 18.63 17.30 -17.77
C MET C 205 19.29 16.28 -18.66
N ILE C 206 18.72 15.09 -18.63
CA ILE C 206 19.21 14.11 -19.59
C ILE C 206 19.05 14.69 -21.05
N GLY C 207 17.89 15.27 -21.35
CA GLY C 207 17.67 15.92 -22.67
C GLY C 207 18.75 16.91 -23.05
N TYR C 208 19.16 17.79 -22.12
CA TYR C 208 20.19 18.80 -22.39
C TYR C 208 21.53 18.12 -22.65
N ALA C 209 21.86 17.08 -21.87
CA ALA C 209 23.18 16.48 -21.97
C ALA C 209 23.21 15.70 -23.29
N LYS C 210 22.10 15.07 -23.64
CA LYS C 210 22.03 14.26 -24.92
C LYS C 210 22.15 15.11 -26.20
N LYS C 211 21.84 16.40 -26.16
CA LYS C 211 22.10 17.22 -27.37
C LYS C 211 23.58 17.40 -27.63
N LEU C 212 24.43 17.23 -26.61
CA LEU C 212 25.92 17.43 -26.73
C LEU C 212 26.80 16.18 -26.64
N PHE C 213 26.49 15.36 -25.62
CA PHE C 213 27.35 14.25 -25.26
C PHE C 213 26.88 13.01 -25.98
N LYS C 214 27.81 12.22 -26.44
CA LYS C 214 27.56 10.94 -27.10
C LYS C 214 26.83 9.94 -26.13
N LYS C 215 27.21 9.90 -24.85
CA LYS C 215 26.64 8.86 -23.95
C LYS C 215 26.21 9.53 -22.64
N VAL C 216 24.94 9.34 -22.23
CA VAL C 216 24.42 10.05 -21.10
C VAL C 216 23.72 8.98 -20.24
N GLU C 217 24.15 8.80 -19.00
CA GLU C 217 23.67 7.72 -18.13
C GLU C 217 23.28 8.35 -16.80
N TYR C 218 22.70 7.56 -15.92
CA TYR C 218 22.06 8.09 -14.68
C TYR C 218 22.31 7.00 -13.62
N ALA C 219 22.92 7.39 -12.48
CA ALA C 219 23.23 6.49 -11.38
C ALA C 219 22.50 6.97 -10.11
N ASN C 220 22.11 6.03 -9.26
CA ASN C 220 21.42 6.35 -8.04
C ASN C 220 22.29 6.05 -6.79
N ILE C 221 22.18 6.90 -5.82
CA ILE C 221 22.96 6.73 -4.54
C ILE C 221 21.96 6.71 -3.35
N SER C 222 22.15 5.80 -2.39
CA SER C 222 21.34 5.78 -1.12
C SER C 222 21.99 6.72 -0.11
N ILE C 223 21.19 7.67 0.35
CA ILE C 223 21.65 8.58 1.30
C ILE C 223 20.41 9.12 2.05
N PRO C 224 20.30 8.87 3.36
CA PRO C 224 18.98 8.98 3.98
C PRO C 224 18.56 10.41 4.21
N THR C 225 19.52 11.33 4.17
CA THR C 225 19.23 12.74 4.57
C THR C 225 19.03 13.69 3.40
N TYR C 226 18.86 13.13 2.19
CA TYR C 226 18.30 13.89 1.07
C TYR C 226 16.86 13.33 0.78
N PRO C 227 15.97 14.16 0.25
CA PRO C 227 14.56 13.79 0.23
C PRO C 227 14.35 12.53 -0.64
N CYS C 228 13.51 11.62 -0.11
CA CYS C 228 13.24 10.27 -0.72
C CYS C 228 14.39 9.29 -0.47
N GLY C 229 15.44 9.75 0.25
CA GLY C 229 16.52 8.81 0.66
C GLY C 229 17.52 8.44 -0.42
N CYS C 230 17.49 9.13 -1.53
CA CYS C 230 18.35 8.79 -2.72
C CYS C 230 18.56 10.07 -3.59
N ILE C 231 19.67 10.12 -4.29
CA ILE C 231 19.90 11.18 -5.21
C ILE C 231 20.58 10.56 -6.43
N GLY C 232 20.35 11.14 -7.59
CA GLY C 232 21.00 10.58 -8.81
C GLY C 232 22.21 11.40 -9.26
N ILE C 233 23.01 10.76 -10.09
CA ILE C 233 24.17 11.34 -10.77
C ILE C 233 23.93 11.35 -12.26
N LEU C 234 23.82 12.53 -12.87
CA LEU C 234 23.72 12.61 -14.36
C LEU C 234 25.17 12.37 -14.88
N CYS C 235 25.38 11.37 -15.76
CA CYS C 235 26.72 11.01 -16.15
C CYS C 235 26.89 11.28 -17.66
N CYS C 236 27.84 12.17 -17.99
CA CYS C 236 28.01 12.65 -19.36
C CYS C 236 29.38 12.29 -19.86
N SER C 237 29.40 11.55 -20.96
CA SER C 237 30.65 11.07 -21.56
C SER C 237 30.73 11.48 -23.03
N LYS C 238 31.93 11.79 -23.48
CA LYS C 238 32.07 12.22 -24.89
C LYS C 238 32.44 11.00 -25.71
N THR C 239 32.92 9.95 -25.06
CA THR C 239 33.18 8.62 -25.71
C THR C 239 31.91 7.72 -25.70
N ASP C 240 31.77 6.66 -26.54
CA ASP C 240 30.55 5.77 -26.39
C ASP C 240 30.64 4.76 -25.23
N THR C 241 31.81 4.58 -24.67
CA THR C 241 31.94 3.67 -23.52
C THR C 241 31.20 4.07 -22.19
N GLY C 242 30.90 5.38 -22.06
CA GLY C 242 30.26 5.91 -20.87
C GLY C 242 30.98 5.73 -19.53
N LEU C 243 30.17 5.72 -18.48
CA LEU C 243 30.75 5.80 -17.15
C LEU C 243 30.40 4.62 -16.18
N THR C 244 29.81 3.55 -16.70
CA THR C 244 29.36 2.46 -15.83
C THR C 244 30.46 1.47 -15.43
N LYS C 245 31.58 1.49 -16.12
CA LYS C 245 32.66 0.56 -15.82
C LYS C 245 33.99 1.20 -15.48
N PRO C 246 34.42 1.06 -14.24
CA PRO C 246 35.73 1.59 -13.85
C PRO C 246 36.92 0.96 -14.59
N ASN C 247 37.95 1.75 -14.81
CA ASN C 247 39.20 1.34 -15.43
C ASN C 247 40.34 1.18 -14.43
N LYS C 248 40.00 1.25 -13.16
CA LYS C 248 40.96 1.23 -12.03
C LYS C 248 40.18 0.94 -10.71
N LYS C 249 40.87 0.43 -9.69
CA LYS C 249 40.24 0.11 -8.39
C LYS C 249 40.95 0.93 -7.37
N LEU C 250 40.22 1.29 -6.33
CA LEU C 250 40.70 2.13 -5.24
C LEU C 250 41.13 1.24 -4.03
N GLU C 251 42.38 0.72 -4.06
CA GLU C 251 42.86 -0.32 -3.09
C GLU C 251 44.11 0.10 -2.30
N SER C 252 44.71 1.18 -2.74
CA SER C 252 45.93 1.70 -2.18
C SER C 252 45.58 2.32 -0.83
N LYS C 253 46.58 2.63 0.01
CA LYS C 253 46.40 3.24 1.32
C LYS C 253 45.61 4.50 1.32
N GLU C 254 45.75 5.34 0.29
CA GLU C 254 44.96 6.61 0.31
C GLU C 254 43.43 6.40 0.29
N PHE C 255 42.99 5.21 -0.13
CA PHE C 255 41.59 4.84 -0.23
C PHE C 255 41.08 3.88 0.84
N ALA C 256 41.90 3.64 1.85
CA ALA C 256 41.54 2.65 2.87
C ALA C 256 40.38 3.21 3.70
N ASP C 257 40.15 4.48 3.69
CA ASP C 257 39.02 4.97 4.41
C ASP C 257 37.67 4.94 3.68
N LEU C 258 37.56 4.35 2.51
CA LEU C 258 36.25 4.50 1.79
C LEU C 258 35.15 3.76 2.61
N LYS C 259 33.98 4.39 2.75
CA LYS C 259 32.86 3.77 3.47
C LYS C 259 31.63 3.42 2.59
N TYR C 260 31.62 3.85 1.31
CA TYR C 260 30.51 3.48 0.43
C TYR C 260 31.01 2.88 -0.85
N TYR C 261 31.76 3.69 -1.64
CA TYR C 261 32.15 3.31 -2.99
C TYR C 261 33.02 2.03 -2.96
N ASN C 262 32.81 1.12 -3.93
CA ASN C 262 33.80 0.14 -4.28
C ASN C 262 33.52 -0.24 -5.71
N TYR C 263 34.32 -1.16 -6.24
CA TYR C 263 34.26 -1.47 -7.64
C TYR C 263 32.86 -2.00 -8.08
N GLU C 264 32.27 -2.91 -7.28
CA GLU C 264 30.95 -3.46 -7.65
C GLU C 264 29.82 -2.51 -7.48
N ASN C 265 29.93 -1.65 -6.48
CA ASN C 265 28.87 -0.63 -6.21
C ASN C 265 28.83 0.46 -7.28
N HIS C 266 30.01 0.76 -7.86
CA HIS C 266 30.05 1.66 -9.00
C HIS C 266 29.04 1.22 -10.13
N SER C 267 29.13 -0.02 -10.66
CA SER C 267 28.29 -0.40 -11.76
C SER C 267 26.88 -0.65 -11.28
N ALA C 268 26.68 -1.09 -10.03
CA ALA C 268 25.33 -1.44 -9.53
C ALA C 268 24.48 -0.20 -9.46
N ALA C 269 25.12 0.93 -9.13
CA ALA C 269 24.46 2.27 -9.08
C ALA C 269 23.67 2.64 -10.34
N PHE C 270 24.04 2.05 -11.49
CA PHE C 270 23.35 2.46 -12.72
C PHE C 270 22.20 1.50 -13.10
N LYS C 271 21.97 0.51 -12.28
CA LYS C 271 20.88 -0.45 -12.53
C LYS C 271 19.62 0.18 -11.91
N LEU C 272 18.79 0.80 -12.72
CA LEU C 272 17.70 1.66 -12.25
C LEU C 272 16.37 0.94 -12.16
N PRO C 273 15.45 1.41 -11.30
CA PRO C 273 14.09 0.80 -11.27
C PRO C 273 13.39 0.88 -12.66
N ALA C 274 12.64 -0.18 -12.95
CA ALA C 274 11.94 -0.28 -14.24
C ALA C 274 11.13 0.98 -14.62
N PHE C 275 10.45 1.66 -13.69
CA PHE C 275 9.60 2.73 -14.21
C PHE C 275 10.47 3.90 -14.71
N LEU C 276 11.65 4.05 -14.08
CA LEU C 276 12.49 5.18 -14.44
C LEU C 276 13.08 4.87 -15.82
N LEU C 277 13.46 3.65 -16.05
CA LEU C 277 13.97 3.39 -17.36
C LEU C 277 12.90 3.72 -18.43
N LYS C 278 11.62 3.45 -18.18
CA LYS C 278 10.55 3.68 -19.19
C LYS C 278 10.38 5.21 -19.40
N GLU C 279 10.57 6.02 -18.34
CA GLU C 279 10.52 7.47 -18.53
C GLU C 279 11.69 8.00 -19.31
N ILE C 280 12.89 7.41 -19.09
CA ILE C 280 14.09 7.82 -19.86
C ILE C 280 13.95 7.53 -21.40
N GLU C 281 13.27 6.43 -21.72
CA GLU C 281 12.94 6.14 -23.11
C GLU C 281 12.01 7.18 -23.70
N ASN C 282 11.29 7.96 -22.88
CA ASN C 282 10.39 8.99 -23.44
C ASN C 282 11.01 10.37 -23.53
N ILE C 283 12.32 10.41 -23.47
CA ILE C 283 12.99 11.70 -23.57
C ILE C 283 13.36 12.21 -25.01
#